data_5FOE
#
_entry.id   5FOE
#
_cell.length_a   88.026
_cell.length_b   67.447
_cell.length_c   90.411
_cell.angle_alpha   90.00
_cell.angle_beta   116.07
_cell.angle_gamma   90.00
#
_symmetry.space_group_name_H-M   'P 1 21 1'
#
loop_
_entity.id
_entity.type
_entity.pdbx_description
1 polymer 'GDP-fucose protein O-fucosyltransferase 2,Thrombospondin-1'
2 non-polymer 2-acetamido-2-deoxy-beta-D-glucopyranose
3 non-polymer "GUANOSINE-5'-DIPHOSPHATE"
4 non-polymer 1,2-ETHANEDIOL
5 water water
#
_entity_poly.entity_id   1
_entity_poly.type   'polypeptide(L)'
_entity_poly.pdbx_seq_one_letter_code
;MHFFPIQLLVLFFAEKIAFAENSDQTVSRVDSNRYSVAAEKKFLLYDVNFGEGFNLRRDVYMRVANTVRSLRDSGENYIL
VLPPWGRLHHWKRMEVALSWRLFFDLESLNRFIPVIEFEDFLDENRPIDQVIYLQHYAEGWGTEYVRKFEKRSCLPPAES
HYKQVEEFKWKGWFYSYEDVYSRNFQCVSIQGDSGTLKDLLKHSNFSESTSIMVDRAETILHEHYGEVDYWKARRSMRYS
NDLVDVADAFRKKYLDSDDKRDKTKLVDDWTKEKPRRTAIGGPYLGIHWRRRDFLYAKKAQLPTIPGTAKILQDLCKKLD
LQKIYLATDAPDQEVDELKALLNGELEVYRFTDTQKLNDGQIAIIDQYLCAHAAYFIGSYESTFTFRIQEDREIIGFPIS
TTFNRLCPDTEPTCEQPAKWKIVYSSSSGGGGSGGGGSGGGGGSSGSSADDGWSPWSEWTSCSTSCGNGIQQRGRSCDSL
NNRCEGSSVQTRTCHIQECD
;
_entity_poly.pdbx_strand_id   A,B
#
# COMPACT_ATOMS: atom_id res chain seq x y z
N GLU A 40 7.92 33.68 21.61
CA GLU A 40 6.64 33.14 21.06
C GLU A 40 6.92 31.99 20.09
N LYS A 41 6.93 30.76 20.59
CA LYS A 41 7.05 29.58 19.73
C LYS A 41 5.97 29.47 18.67
N LYS A 42 6.40 29.11 17.46
CA LYS A 42 5.46 28.74 16.42
C LYS A 42 5.93 27.40 15.86
N PHE A 43 4.99 26.62 15.36
CA PHE A 43 5.28 25.27 14.88
C PHE A 43 4.90 25.09 13.43
N LEU A 44 5.83 24.57 12.63
CA LEU A 44 5.55 24.22 11.23
C LEU A 44 5.52 22.70 11.04
N LEU A 45 4.41 22.23 10.51
CA LEU A 45 4.21 20.84 10.17
C LEU A 45 4.00 20.76 8.68
N TYR A 46 4.25 19.60 8.09
CA TYR A 46 4.00 19.45 6.67
C TYR A 46 3.67 18.03 6.27
N ASP A 47 3.22 17.86 5.03
CA ASP A 47 3.11 16.54 4.44
C ASP A 47 3.29 16.70 2.94
N VAL A 48 3.30 15.57 2.25
CA VAL A 48 3.63 15.53 0.83
C VAL A 48 2.61 14.63 0.14
N ASN A 49 2.45 14.80 -1.16
CA ASN A 49 1.66 13.91 -1.96
C ASN A 49 1.80 12.47 -1.51
N PHE A 50 0.68 11.76 -1.33
CA PHE A 50 0.71 10.41 -0.78
C PHE A 50 1.61 9.46 -1.57
N GLY A 51 1.63 9.57 -2.89
CA GLY A 51 2.46 8.65 -3.68
C GLY A 51 3.97 8.81 -3.65
N GLU A 52 4.49 9.89 -3.05
CA GLU A 52 5.94 10.14 -3.08
C GLU A 52 6.73 9.18 -2.17
N GLY A 53 7.88 8.69 -2.65
CA GLY A 53 8.79 7.84 -1.88
C GLY A 53 9.69 8.53 -0.87
N PHE A 54 10.44 7.70 -0.14
CA PHE A 54 11.27 8.12 1.00
C PHE A 54 12.28 9.19 0.61
N ASN A 55 13.00 8.93 -0.46
CA ASN A 55 14.06 9.80 -0.88
C ASN A 55 13.62 11.10 -1.56
N LEU A 56 12.45 11.12 -2.14
CA LEU A 56 11.88 12.40 -2.58
C LEU A 56 11.47 13.19 -1.33
N ARG A 57 10.95 12.49 -0.34
CA ARG A 57 10.54 13.14 0.90
C ARG A 57 11.72 13.71 1.66
N ARG A 58 12.87 13.03 1.62
CA ARG A 58 14.09 13.60 2.19
C ARG A 58 14.48 14.92 1.53
N ASP A 59 14.21 15.05 0.23
CA ASP A 59 14.53 16.32 -0.46
C ASP A 59 13.56 17.44 -0.08
N VAL A 60 12.30 17.11 0.07
CA VAL A 60 11.34 18.09 0.54
C VAL A 60 11.67 18.58 1.96
N TYR A 61 12.17 17.70 2.83
CA TYR A 61 12.58 18.12 4.17
C TYR A 61 13.50 19.33 4.07
N MET A 62 14.46 19.25 3.16
CA MET A 62 15.42 20.33 3.00
C MET A 62 14.75 21.63 2.56
N ARG A 63 13.72 21.51 1.72
CA ARG A 63 13.01 22.72 1.23
C ARG A 63 12.34 23.36 2.41
N VAL A 64 11.68 22.55 3.21
CA VAL A 64 10.91 23.07 4.35
C VAL A 64 11.81 23.54 5.48
N ALA A 65 12.91 22.83 5.71
CA ALA A 65 13.89 23.22 6.71
C ALA A 65 14.47 24.61 6.37
N ASN A 66 14.75 24.86 5.09
CA ASN A 66 15.19 26.20 4.68
C ASN A 66 14.12 27.28 4.83
N THR A 67 12.85 26.93 4.73
CA THR A 67 11.78 27.91 5.04
C THR A 67 11.86 28.28 6.51
N VAL A 68 12.03 27.26 7.34
CA VAL A 68 12.19 27.49 8.78
C VAL A 68 13.43 28.34 9.12
N ARG A 69 14.55 28.06 8.46
CA ARG A 69 15.78 28.82 8.60
CA ARG A 69 15.77 28.82 8.60
C ARG A 69 15.52 30.31 8.30
N SER A 70 14.88 30.58 7.16
CA SER A 70 14.57 31.95 6.76
C SER A 70 13.65 32.62 7.78
N LEU A 71 12.63 31.90 8.21
CA LEU A 71 11.70 32.42 9.22
C LEU A 71 12.42 32.83 10.49
N ARG A 72 13.36 32.02 10.90
CA ARG A 72 14.11 32.24 12.11
C ARG A 72 15.11 33.38 11.91
N ASP A 73 15.80 33.38 10.77
CA ASP A 73 16.70 34.50 10.45
C ASP A 73 15.94 35.85 10.50
N SER A 74 14.67 35.86 10.08
CA SER A 74 13.83 37.06 10.18
C SER A 74 13.18 37.31 11.55
N GLY A 75 13.59 36.62 12.60
CA GLY A 75 13.04 36.92 13.94
C GLY A 75 11.83 36.12 14.40
N GLU A 76 11.38 35.11 13.63
CA GLU A 76 10.28 34.23 14.08
C GLU A 76 10.80 32.97 14.77
N ASN A 77 10.26 32.65 15.94
CA ASN A 77 10.72 31.50 16.71
C ASN A 77 10.01 30.21 16.28
N TYR A 78 10.30 29.79 15.06
CA TYR A 78 9.68 28.62 14.45
C TYR A 78 10.40 27.31 14.75
N ILE A 79 9.63 26.30 15.10
CA ILE A 79 10.11 24.95 15.28
C ILE A 79 9.54 24.05 14.19
N LEU A 80 10.38 23.23 13.57
CA LEU A 80 9.90 22.26 12.59
C LEU A 80 9.47 20.99 13.24
N VAL A 81 8.25 20.57 12.99
CA VAL A 81 7.74 19.27 13.48
C VAL A 81 7.94 18.24 12.40
N LEU A 82 8.65 17.16 12.73
CA LEU A 82 9.03 16.16 11.75
C LEU A 82 7.86 15.21 11.48
N PRO A 83 7.44 15.11 10.21
CA PRO A 83 6.28 14.28 9.90
C PRO A 83 6.55 12.78 10.05
N PRO A 84 5.70 12.06 10.78
CA PRO A 84 5.91 10.61 10.87
C PRO A 84 6.08 9.91 9.51
N TRP A 85 6.98 8.95 9.42
CA TRP A 85 7.17 8.15 8.21
C TRP A 85 6.10 7.06 8.18
N GLY A 86 5.37 6.97 7.05
CA GLY A 86 4.14 6.20 6.91
C GLY A 86 4.22 5.21 5.78
N ARG A 87 3.29 5.30 4.83
CA ARG A 87 3.44 4.52 3.57
C ARG A 87 4.71 4.89 2.85
N GLU A 95 0.74 -0.33 7.19
CA GLU A 95 0.20 0.92 7.82
C GLU A 95 0.92 1.37 9.13
N VAL A 96 1.71 2.44 9.07
CA VAL A 96 2.69 2.76 10.13
C VAL A 96 2.84 4.25 10.37
N ALA A 97 3.43 4.62 11.52
CA ALA A 97 3.68 6.04 11.87
C ALA A 97 4.95 6.18 12.67
N LEU A 98 6.06 6.19 11.98
CA LEU A 98 7.36 5.92 12.55
C LEU A 98 8.19 7.17 12.80
N SER A 99 8.84 7.23 13.97
CA SER A 99 9.74 8.32 14.35
C SER A 99 10.93 8.53 13.41
N TRP A 100 11.34 9.80 13.28
CA TRP A 100 12.55 10.12 12.55
C TRP A 100 13.81 9.49 13.16
N ARG A 101 13.85 9.35 14.51
CA ARG A 101 15.03 8.75 15.18
C ARG A 101 15.46 7.44 14.61
N LEU A 102 14.51 6.66 14.13
CA LEU A 102 14.81 5.37 13.60
C LEU A 102 15.75 5.44 12.38
N PHE A 103 15.73 6.58 11.68
CA PHE A 103 16.47 6.75 10.43
C PHE A 103 17.57 7.79 10.50
N PHE A 104 17.31 8.88 11.23
CA PHE A 104 18.19 10.04 11.25
C PHE A 104 18.63 10.42 12.68
N ASP A 105 19.77 11.10 12.75
CA ASP A 105 20.31 11.64 13.98
C ASP A 105 19.72 13.02 14.28
N LEU A 106 18.74 13.07 15.19
CA LEU A 106 18.06 14.35 15.48
C LEU A 106 19.01 15.45 15.93
N GLU A 107 20.03 15.09 16.68
CA GLU A 107 20.98 16.09 17.17
C GLU A 107 21.63 16.80 16.00
N SER A 108 21.94 16.06 14.95
CA SER A 108 22.48 16.64 13.73
C SER A 108 21.47 17.59 13.05
N LEU A 109 20.27 17.10 12.81
CA LEU A 109 19.21 17.90 12.23
C LEU A 109 19.00 19.22 13.02
N ASN A 110 19.13 19.11 14.35
CA ASN A 110 18.88 20.23 15.26
CA ASN A 110 18.88 20.25 15.26
C ASN A 110 19.96 21.33 15.20
N ARG A 111 21.10 20.99 14.62
CA ARG A 111 22.13 22.00 14.44
C ARG A 111 21.77 23.00 13.36
N PHE A 112 20.89 22.63 12.44
CA PHE A 112 20.56 23.52 11.35
C PHE A 112 19.35 24.37 11.74
N ILE A 113 18.31 23.72 12.24
CA ILE A 113 17.12 24.39 12.72
C ILE A 113 16.55 23.58 13.86
N PRO A 114 15.78 24.21 14.73
CA PRO A 114 15.14 23.41 15.77
C PRO A 114 14.08 22.47 15.22
N VAL A 115 14.20 21.18 15.55
CA VAL A 115 13.24 20.16 15.13
C VAL A 115 12.67 19.37 16.31
N ILE A 116 11.40 18.98 16.20
CA ILE A 116 10.76 18.05 17.15
C ILE A 116 10.01 16.92 16.42
N GLU A 117 9.89 15.76 17.05
CA GLU A 117 9.04 14.67 16.51
C GLU A 117 7.59 15.07 16.66
N PHE A 118 6.73 14.48 15.83
CA PHE A 118 5.32 14.79 15.87
C PHE A 118 4.72 14.36 17.20
N GLU A 119 5.18 13.23 17.75
CA GLU A 119 4.69 12.77 19.06
C GLU A 119 5.05 13.76 20.16
N ASP A 120 6.23 14.33 20.08
CA ASP A 120 6.59 15.39 21.04
C ASP A 120 5.66 16.60 20.90
N PHE A 121 5.37 16.98 19.65
CA PHE A 121 4.46 18.12 19.40
C PHE A 121 3.07 17.87 20.02
N LEU A 122 2.55 16.66 19.86
CA LEU A 122 1.27 16.27 20.47
C LEU A 122 1.31 16.31 22.00
N ASP A 123 2.45 15.94 22.58
CA ASP A 123 2.60 15.96 24.05
C ASP A 123 2.43 17.37 24.64
N GLU A 124 2.72 18.40 23.87
CA GLU A 124 2.51 19.79 24.31
C GLU A 124 1.04 20.24 24.30
N ASN A 125 0.14 19.35 23.89
CA ASN A 125 -1.29 19.64 23.82
C ASN A 125 -1.60 20.99 23.17
N ARG A 126 -1.06 21.15 21.96
CA ARG A 126 -1.28 22.34 21.15
C ARG A 126 -2.19 21.93 19.99
N PRO A 127 -3.18 22.77 19.66
CA PRO A 127 -3.98 22.40 18.49
C PRO A 127 -3.20 22.66 17.18
N ILE A 128 -3.51 21.93 16.11
CA ILE A 128 -3.10 22.38 14.77
C ILE A 128 -4.10 23.48 14.43
N ASP A 129 -3.62 24.71 14.31
CA ASP A 129 -4.46 25.89 14.09
C ASP A 129 -4.93 26.06 12.64
N GLN A 130 -4.12 25.61 11.69
CA GLN A 130 -4.37 25.88 10.30
C GLN A 130 -3.71 24.82 9.45
N VAL A 131 -4.44 24.36 8.44
CA VAL A 131 -3.86 23.60 7.33
C VAL A 131 -3.92 24.50 6.11
N ILE A 132 -2.80 24.55 5.42
CA ILE A 132 -2.74 25.20 4.13
C ILE A 132 -2.39 24.11 3.12
N TYR A 133 -3.30 23.84 2.20
CA TYR A 133 -3.06 22.79 1.22
C TYR A 133 -2.08 23.18 0.06
N LEU A 134 -2.28 24.06 -0.81
CA LEU A 134 -1.06 24.14 -1.77
C LEU A 134 -1.31 23.28 -2.94
N GLN A 135 -1.27 24.00 -4.02
CA GLN A 135 -1.74 23.52 -5.27
C GLN A 135 -1.17 24.49 -6.32
N HIS A 136 -1.29 24.09 -7.58
CA HIS A 136 -0.79 24.86 -8.69
C HIS A 136 -1.76 25.96 -9.02
N TYR A 137 -1.27 26.91 -9.82
CA TYR A 137 -2.13 27.82 -10.56
C TYR A 137 -2.70 27.09 -11.76
N ALA A 138 -4.03 26.95 -11.83
CA ALA A 138 -4.67 26.14 -12.88
C ALA A 138 -4.31 26.60 -14.29
N GLU A 139 -4.03 27.88 -14.43
CA GLU A 139 -3.58 28.41 -15.72
C GLU A 139 -2.13 28.06 -16.08
N GLY A 140 -1.36 27.61 -15.09
CA GLY A 140 -0.01 27.13 -15.32
C GLY A 140 0.97 28.26 -15.36
N TRP A 141 2.25 27.91 -15.27
CA TRP A 141 3.30 28.92 -15.29
C TRP A 141 3.52 29.50 -16.70
N GLY A 142 4.05 30.74 -16.74
CA GLY A 142 4.17 31.49 -18.00
C GLY A 142 5.59 31.54 -18.55
N THR A 143 5.90 32.56 -19.37
CA THR A 143 7.22 32.65 -19.97
C THR A 143 8.31 32.91 -18.97
N GLU A 144 7.94 33.48 -17.81
CA GLU A 144 8.80 33.53 -16.64
C GLU A 144 8.12 32.74 -15.48
N TYR A 145 8.93 32.13 -14.65
CA TYR A 145 8.40 31.39 -13.49
C TYR A 145 8.25 32.36 -12.33
N VAL A 146 7.07 32.97 -12.28
CA VAL A 146 6.76 33.99 -11.30
C VAL A 146 6.56 33.39 -9.92
N ARG A 147 7.24 33.90 -8.92
CA ARG A 147 6.99 33.52 -7.53
C ARG A 147 5.79 34.27 -6.99
N LYS A 148 4.74 33.55 -6.57
CA LYS A 148 3.48 34.22 -6.15
C LYS A 148 2.62 33.22 -5.40
N PHE A 149 1.67 33.70 -4.60
CA PHE A 149 0.68 32.83 -3.99
C PHE A 149 -0.63 33.54 -3.81
N GLU A 150 -1.71 32.77 -3.73
CA GLU A 150 -3.04 33.30 -3.65
C GLU A 150 -3.98 32.18 -3.16
N LYS A 151 -4.80 32.49 -2.16
CA LYS A 151 -5.86 31.59 -1.74
C LYS A 151 -6.76 31.39 -2.94
N ARG A 152 -7.21 30.16 -3.14
CA ARG A 152 -8.06 29.83 -4.26
C ARG A 152 -8.94 28.67 -3.88
N SER A 153 -10.03 28.48 -4.63
CA SER A 153 -10.88 27.27 -4.45
C SER A 153 -10.02 26.06 -4.58
N CYS A 154 -10.37 25.03 -3.83
CA CYS A 154 -9.61 23.81 -3.80
C CYS A 154 -9.74 23.01 -5.07
N LEU A 155 -8.61 22.62 -5.64
CA LEU A 155 -8.57 21.64 -6.74
C LEU A 155 -8.53 20.24 -6.14
N PRO A 156 -9.00 19.23 -6.87
CA PRO A 156 -8.92 17.85 -6.36
C PRO A 156 -7.46 17.50 -6.02
N PRO A 157 -7.24 16.61 -5.04
CA PRO A 157 -8.18 15.88 -4.19
C PRO A 157 -8.41 16.49 -2.83
N ALA A 158 -8.08 17.78 -2.72
CA ALA A 158 -8.05 18.46 -1.44
C ALA A 158 -9.32 18.22 -0.64
N GLU A 159 -10.46 18.38 -1.27
CA GLU A 159 -11.72 18.35 -0.55
C GLU A 159 -12.18 16.92 -0.25
N SER A 160 -11.60 15.94 -0.92
CA SER A 160 -11.80 14.55 -0.50
C SER A 160 -10.84 14.09 0.63
N HIS A 161 -9.86 14.93 0.98
CA HIS A 161 -8.92 14.61 2.04
C HIS A 161 -9.09 15.44 3.33
N TYR A 162 -9.87 16.51 3.30
CA TYR A 162 -10.18 17.30 4.53
C TYR A 162 -11.65 17.69 4.53
N LYS A 163 -12.33 17.53 5.68
CA LYS A 163 -13.78 17.68 5.83
C LYS A 163 -14.09 18.50 7.09
N GLN A 164 -14.93 19.52 6.99
CA GLN A 164 -15.28 20.36 8.16
C GLN A 164 -16.39 19.67 8.97
N VAL A 165 -16.01 18.94 10.02
CA VAL A 165 -17.01 18.21 10.80
C VAL A 165 -17.61 19.02 11.99
N GLU A 166 -16.83 19.97 12.52
CA GLU A 166 -17.35 21.01 13.40
C GLU A 166 -16.74 22.33 12.91
N GLU A 167 -17.17 23.45 13.46
CA GLU A 167 -16.71 24.76 12.92
C GLU A 167 -15.20 24.83 13.00
N PHE A 168 -14.64 24.50 14.15
CA PHE A 168 -13.21 24.47 14.31
C PHE A 168 -12.59 23.04 14.38
N LYS A 169 -13.10 22.14 13.52
CA LYS A 169 -12.63 20.76 13.47
C LYS A 169 -12.69 20.24 12.03
N TRP A 170 -11.53 20.18 11.42
CA TRP A 170 -11.37 19.68 10.08
C TRP A 170 -10.66 18.34 10.18
N LYS A 171 -11.31 17.30 9.68
CA LYS A 171 -10.74 15.94 9.77
C LYS A 171 -9.94 15.67 8.50
N GLY A 172 -8.94 14.82 8.62
CA GLY A 172 -8.03 14.53 7.52
C GLY A 172 -7.15 13.39 7.91
N TRP A 173 -6.20 13.05 7.05
CA TRP A 173 -5.32 11.88 7.27
C TRP A 173 -4.47 12.02 8.54
N PHE A 174 -3.81 13.19 8.66
CA PHE A 174 -2.93 13.54 9.80
C PHE A 174 -2.02 12.38 10.22
N TYR A 175 -1.35 11.83 9.21
CA TYR A 175 -0.34 10.80 9.40
C TYR A 175 -0.87 9.51 10.03
N SER A 176 -2.18 9.25 9.84
CA SER A 176 -2.90 8.09 10.44
C SER A 176 -3.44 8.29 11.86
N TYR A 177 -3.21 9.47 12.46
CA TYR A 177 -3.70 9.76 13.82
C TYR A 177 -5.16 10.19 13.81
N GLU A 178 -6.02 9.28 14.27
CA GLU A 178 -7.48 9.44 14.27
C GLU A 178 -8.02 10.61 15.07
N ASP A 179 -7.34 10.95 16.15
CA ASP A 179 -7.85 11.97 17.06
C ASP A 179 -7.34 13.35 16.75
N VAL A 180 -6.44 13.49 15.78
CA VAL A 180 -5.88 14.81 15.42
C VAL A 180 -6.78 15.50 14.40
N TYR A 181 -6.80 16.81 14.43
CA TYR A 181 -7.66 17.59 13.57
C TYR A 181 -7.10 19.01 13.47
N SER A 182 -7.57 19.77 12.50
CA SER A 182 -7.18 21.17 12.38
C SER A 182 -8.35 22.12 12.63
N ARG A 183 -8.05 23.32 13.17
CA ARG A 183 -9.09 24.31 13.47
C ARG A 183 -9.53 25.01 12.22
N ASN A 184 -8.66 25.05 11.20
CA ASN A 184 -8.91 25.78 9.99
C ASN A 184 -8.30 25.09 8.78
N PHE A 185 -8.83 25.39 7.61
CA PHE A 185 -8.39 24.76 6.36
C PHE A 185 -8.62 25.66 5.18
N GLN A 186 -7.68 25.66 4.25
CA GLN A 186 -7.80 26.39 3.00
C GLN A 186 -6.79 25.85 1.99
N CYS A 187 -7.07 26.08 0.70
CA CYS A 187 -6.12 25.82 -0.39
C CYS A 187 -5.50 27.13 -0.86
N VAL A 188 -4.21 27.06 -1.15
CA VAL A 188 -3.46 28.18 -1.69
C VAL A 188 -2.70 27.74 -2.94
N SER A 189 -2.95 28.42 -4.05
CA SER A 189 -2.15 28.23 -5.24
C SER A 189 -0.83 28.96 -5.04
N ILE A 190 0.29 28.30 -5.34
CA ILE A 190 1.61 28.87 -5.15
C ILE A 190 2.58 28.45 -6.23
N GLN A 191 3.37 29.39 -6.71
CA GLN A 191 4.59 29.08 -7.45
C GLN A 191 5.70 29.72 -6.67
N GLY A 192 6.79 28.98 -6.48
CA GLY A 192 7.93 29.54 -5.79
C GLY A 192 8.70 28.56 -4.94
N ASP A 193 9.44 29.10 -4.00
CA ASP A 193 10.47 28.39 -3.33
C ASP A 193 10.34 28.47 -1.83
N SER A 194 11.32 27.92 -1.13
CA SER A 194 11.41 28.06 0.32
C SER A 194 11.16 29.47 0.82
N GLY A 195 11.69 30.48 0.13
CA GLY A 195 11.44 31.88 0.51
C GLY A 195 10.00 32.33 0.32
N THR A 196 9.39 31.89 -0.78
CA THR A 196 7.99 32.19 -1.07
C THR A 196 7.11 31.58 0.02
N LEU A 197 7.48 30.39 0.49
CA LEU A 197 6.69 29.76 1.54
C LEU A 197 6.81 30.52 2.84
N LYS A 198 8.00 31.01 3.13
CA LYS A 198 8.23 31.91 4.28
C LYS A 198 7.24 33.06 4.22
N ASP A 199 7.15 33.68 3.06
CA ASP A 199 6.27 34.82 2.87
C ASP A 199 4.81 34.44 3.10
N LEU A 200 4.40 33.29 2.63
CA LEU A 200 3.04 32.84 2.81
C LEU A 200 2.73 32.66 4.28
N LEU A 201 3.64 32.01 5.00
CA LEU A 201 3.43 31.74 6.42
C LEU A 201 3.40 33.03 7.29
N LYS A 202 4.09 34.08 6.83
CA LYS A 202 4.04 35.39 7.49
C LYS A 202 2.88 36.26 7.08
N HIS A 203 2.08 35.82 6.10
CA HIS A 203 0.97 36.65 5.62
C HIS A 203 -0.04 36.89 6.76
N SER A 204 -0.63 38.11 6.79
CA SER A 204 -1.51 38.49 7.88
C SER A 204 -2.69 37.50 8.09
N ASN A 205 -3.16 36.87 7.02
CA ASN A 205 -4.18 35.82 7.10
C ASN A 205 -3.93 34.73 8.14
N PHE A 206 -2.67 34.46 8.49
CA PHE A 206 -2.39 33.39 9.45
C PHE A 206 -1.75 33.90 10.72
N SER A 207 -1.78 35.21 10.93
CA SER A 207 -1.14 35.81 12.10
C SER A 207 -1.65 35.27 13.43
N GLU A 208 -2.87 34.75 13.48
CA GLU A 208 -3.41 34.26 14.75
C GLU A 208 -3.08 32.77 15.04
N SER A 209 -2.41 32.10 14.10
CA SER A 209 -2.09 30.69 14.29
C SER A 209 -0.73 30.54 14.92
N THR A 210 -0.59 29.57 15.81
CA THR A 210 0.75 29.20 16.31
C THR A 210 1.31 27.90 15.70
N SER A 211 0.45 26.99 15.29
CA SER A 211 0.84 25.75 14.62
C SER A 211 0.17 25.67 13.26
N ILE A 212 0.98 25.55 12.21
CA ILE A 212 0.45 25.50 10.86
C ILE A 212 1.02 24.31 10.09
N MET A 213 0.13 23.59 9.42
CA MET A 213 0.53 22.43 8.59
C MET A 213 0.38 22.76 7.09
N VAL A 214 1.47 22.59 6.37
CA VAL A 214 1.50 22.86 4.95
C VAL A 214 1.48 21.53 4.25
N ASP A 215 0.36 21.21 3.61
CA ASP A 215 0.24 19.96 2.85
C ASP A 215 0.67 20.21 1.39
N ARG A 216 0.97 19.11 0.73
CA ARG A 216 1.55 19.10 -0.63
C ARG A 216 2.80 19.98 -0.74
N ALA A 217 3.67 19.87 0.29
CA ALA A 217 4.89 20.64 0.33
C ALA A 217 5.83 20.41 -0.86
N GLU A 218 5.67 19.31 -1.57
CA GLU A 218 6.45 19.13 -2.79
C GLU A 218 6.16 20.16 -3.90
N THR A 219 5.08 20.91 -3.73
CA THR A 219 4.75 21.99 -4.64
C THR A 219 5.87 23.07 -4.65
N ILE A 220 6.55 23.22 -3.53
CA ILE A 220 7.58 24.27 -3.35
C ILE A 220 8.93 23.80 -3.87
N LEU A 221 9.67 24.72 -4.50
CA LEU A 221 11.01 24.48 -5.01
C LEU A 221 12.09 24.89 -4.01
N HIS A 222 13.28 24.40 -4.19
CA HIS A 222 14.42 24.89 -3.50
C HIS A 222 14.69 26.35 -3.91
N GLU A 223 15.04 27.18 -2.95
CA GLU A 223 15.72 28.47 -3.21
C GLU A 223 17.22 28.16 -3.33
N HIS A 224 17.86 28.68 -4.34
CA HIS A 224 19.32 28.58 -4.51
C HIS A 224 19.75 27.11 -4.50
N TYR A 225 19.13 26.36 -5.41
CA TYR A 225 19.38 24.94 -5.55
C TYR A 225 20.88 24.71 -5.61
N GLY A 226 21.39 23.76 -4.84
CA GLY A 226 22.81 23.37 -4.91
C GLY A 226 23.84 24.36 -4.33
N GLU A 227 23.39 25.38 -3.59
CA GLU A 227 24.28 26.39 -2.98
C GLU A 227 24.41 26.13 -1.47
N VAL A 228 24.92 27.10 -0.71
CA VAL A 228 25.34 26.80 0.66
C VAL A 228 24.24 26.22 1.49
N ASP A 229 23.10 26.88 1.51
CA ASP A 229 22.03 26.55 2.46
C ASP A 229 21.33 25.24 2.13
N TYR A 230 21.24 24.94 0.84
CA TYR A 230 20.78 23.64 0.35
C TYR A 230 21.64 22.54 0.89
N TRP A 231 22.95 22.71 0.73
CA TRP A 231 23.90 21.77 1.24
C TRP A 231 24.01 21.76 2.78
N LYS A 232 23.80 22.89 3.46
CA LYS A 232 23.77 22.80 4.91
C LYS A 232 22.61 21.89 5.37
N ALA A 233 21.46 22.05 4.74
CA ALA A 233 20.28 21.21 5.06
C ALA A 233 20.53 19.75 4.77
N ARG A 234 21.12 19.48 3.62
CA ARG A 234 21.47 18.11 3.26
C ARG A 234 22.48 17.51 4.25
N ARG A 235 23.53 18.29 4.56
CA ARG A 235 24.59 17.86 5.48
C ARG A 235 24.10 17.57 6.89
N SER A 236 23.02 18.22 7.30
CA SER A 236 22.49 17.99 8.63
C SER A 236 21.76 16.65 8.78
N MET A 237 21.42 15.99 7.67
CA MET A 237 20.63 14.79 7.71
C MET A 237 21.55 13.57 7.84
N ARG A 238 22.24 13.52 8.98
CA ARG A 238 23.09 12.39 9.31
C ARG A 238 22.20 11.22 9.65
N TYR A 239 22.60 10.03 9.21
CA TYR A 239 21.86 8.83 9.56
C TYR A 239 21.99 8.52 11.06
N SER A 240 21.01 7.79 11.58
CA SER A 240 20.99 7.31 12.92
C SER A 240 22.22 6.49 13.25
N ASN A 241 22.79 6.71 14.43
CA ASN A 241 24.01 6.00 14.87
C ASN A 241 23.88 4.48 14.84
N ASP A 242 22.74 3.97 15.29
CA ASP A 242 22.52 2.51 15.25
C ASP A 242 22.62 1.93 13.84
N LEU A 243 22.10 2.65 12.84
CA LEU A 243 22.21 2.25 11.43
C LEU A 243 23.63 2.33 10.92
N VAL A 244 24.34 3.39 11.29
CA VAL A 244 25.73 3.52 10.89
C VAL A 244 26.55 2.36 11.52
N ASP A 245 26.26 2.02 12.77
CA ASP A 245 26.98 0.91 13.44
C ASP A 245 26.80 -0.42 12.74
N VAL A 246 25.57 -0.73 12.38
CA VAL A 246 25.26 -1.95 11.64
C VAL A 246 25.96 -1.98 10.27
N ALA A 247 25.94 -0.86 9.56
CA ALA A 247 26.59 -0.74 8.25
C ALA A 247 28.10 -0.91 8.36
N ASP A 248 28.68 -0.38 9.43
CA ASP A 248 30.14 -0.47 9.61
C ASP A 248 30.55 -1.89 9.99
N ALA A 249 29.70 -2.58 10.76
CA ALA A 249 29.94 -4.01 11.07
C ALA A 249 29.97 -4.84 9.77
N PHE A 250 29.05 -4.58 8.85
CA PHE A 250 29.02 -5.26 7.52
C PHE A 250 30.26 -4.98 6.69
N ARG A 251 30.69 -3.72 6.68
CA ARG A 251 31.88 -3.31 5.94
C ARG A 251 33.13 -4.09 6.42
N LYS A 252 33.28 -4.13 7.74
CA LYS A 252 34.39 -4.81 8.37
C LYS A 252 34.38 -6.31 8.05
N LYS A 253 33.24 -6.95 8.30
CA LYS A 253 33.10 -8.38 8.14
C LYS A 253 33.15 -8.84 6.68
N TYR A 254 32.58 -8.09 5.75
CA TYR A 254 32.47 -8.62 4.39
C TYR A 254 33.25 -7.88 3.32
N LEU A 255 33.51 -6.58 3.54
CA LEU A 255 33.98 -5.69 2.49
C LEU A 255 35.40 -5.17 2.68
N ASP A 256 36.16 -5.72 3.63
CA ASP A 256 37.51 -5.24 3.97
C ASP A 256 37.51 -3.74 4.10
N SER A 257 36.52 -3.21 4.81
CA SER A 257 36.29 -1.77 4.79
C SER A 257 36.06 -1.19 6.19
N ASP A 258 36.78 -0.12 6.49
CA ASP A 258 36.48 0.73 7.66
C ASP A 258 36.98 2.14 7.38
N ASP A 259 36.55 3.08 8.20
CA ASP A 259 36.80 4.49 7.92
C ASP A 259 38.28 4.81 7.93
N LYS A 260 39.03 4.09 8.78
CA LYS A 260 40.48 4.27 8.90
C LYS A 260 41.16 3.98 7.58
N ARG A 261 40.98 2.78 7.06
CA ARG A 261 41.62 2.38 5.81
C ARG A 261 41.03 3.09 4.60
N ASP A 262 39.73 3.34 4.64
CA ASP A 262 39.06 3.96 3.49
C ASP A 262 39.29 5.48 3.44
N LYS A 263 39.82 6.05 4.53
CA LYS A 263 39.97 7.50 4.67
C LYS A 263 38.61 8.21 4.51
N THR A 264 37.58 7.68 5.16
CA THR A 264 36.23 8.20 5.06
C THR A 264 35.68 8.65 6.40
N LYS A 265 36.56 8.80 7.39
CA LYS A 265 36.20 9.34 8.68
C LYS A 265 35.67 10.77 8.58
N LEU A 266 34.48 10.99 9.14
CA LEU A 266 33.84 12.30 9.13
C LEU A 266 33.76 12.87 10.53
N VAL A 267 33.90 14.19 10.64
CA VAL A 267 33.78 14.86 11.94
C VAL A 267 32.42 14.54 12.55
N ASP A 268 32.35 14.40 13.85
CA ASP A 268 31.11 14.07 14.53
C ASP A 268 30.03 15.13 14.30
N ASP A 269 30.43 16.40 14.35
CA ASP A 269 29.56 17.57 14.24
C ASP A 269 29.64 18.08 12.80
N TRP A 270 28.56 17.90 12.05
CA TRP A 270 28.55 18.19 10.60
C TRP A 270 28.87 19.65 10.24
N THR A 271 28.65 20.57 11.17
CA THR A 271 28.94 21.98 10.94
C THR A 271 30.42 22.24 10.81
N LYS A 272 31.25 21.32 11.29
CA LYS A 272 32.72 21.42 11.14
C LYS A 272 33.29 20.73 9.88
N GLU A 273 32.44 20.12 9.04
CA GLU A 273 32.92 19.52 7.78
C GLU A 273 33.65 20.57 6.91
N LYS A 274 34.65 20.12 6.17
CA LYS A 274 35.39 20.98 5.23
C LYS A 274 35.51 20.26 3.89
N PRO A 275 35.68 21.02 2.80
CA PRO A 275 35.77 20.36 1.48
C PRO A 275 36.97 19.46 1.33
N ARG A 276 36.79 18.31 0.70
CA ARG A 276 37.91 17.43 0.38
C ARG A 276 37.57 16.57 -0.81
N ARG A 277 38.59 16.08 -1.52
CA ARG A 277 38.38 15.12 -2.57
C ARG A 277 39.26 13.89 -2.39
N THR A 278 39.65 13.64 -1.15
CA THR A 278 40.65 12.62 -0.83
C THR A 278 40.14 11.30 -0.21
N ALA A 279 38.83 11.07 -0.17
CA ALA A 279 38.32 9.78 0.29
C ALA A 279 38.64 8.70 -0.72
N ILE A 280 38.98 7.52 -0.20
CA ILE A 280 39.37 6.39 -1.04
C ILE A 280 38.26 5.37 -1.13
N GLY A 281 37.65 5.04 0.01
CA GLY A 281 36.56 4.06 0.04
C GLY A 281 37.10 2.65 0.22
N GLY A 282 36.24 1.72 0.59
CA GLY A 282 36.62 0.33 0.72
C GLY A 282 36.89 -0.30 -0.63
N PRO A 283 37.56 -1.45 -0.63
CA PRO A 283 37.90 -2.13 -1.87
C PRO A 283 36.70 -2.85 -2.50
N TYR A 284 35.64 -2.09 -2.80
CA TYR A 284 34.46 -2.62 -3.49
C TYR A 284 33.78 -1.60 -4.39
N LEU A 285 33.02 -2.15 -5.33
CA LEU A 285 32.18 -1.38 -6.24
C LEU A 285 30.78 -1.33 -5.68
N GLY A 286 30.19 -0.13 -5.63
CA GLY A 286 28.80 0.01 -5.23
C GLY A 286 27.86 0.24 -6.40
N ILE A 287 26.75 -0.51 -6.44
CA ILE A 287 25.73 -0.32 -7.45
C ILE A 287 24.36 -0.22 -6.80
N HIS A 288 23.64 0.84 -7.17
CA HIS A 288 22.22 0.90 -6.91
C HIS A 288 21.47 0.47 -8.15
N TRP A 289 20.77 -0.66 -8.01
CA TRP A 289 20.05 -1.33 -9.10
C TRP A 289 18.56 -1.20 -8.88
N ARG A 290 17.97 -0.14 -9.43
CA ARG A 290 16.55 0.18 -9.18
C ARG A 290 15.66 -0.54 -10.21
N ARG A 291 14.79 -1.42 -9.75
CA ARG A 291 13.90 -2.14 -10.67
C ARG A 291 12.45 -2.07 -10.17
N ARG A 292 11.75 -3.20 -9.98
CA ARG A 292 10.31 -3.19 -9.57
C ARG A 292 9.48 -2.24 -10.48
N ASP A 293 8.79 -1.25 -9.89
CA ASP A 293 8.00 -0.27 -10.66
C ASP A 293 8.79 0.40 -11.79
N PHE A 294 10.09 0.66 -11.57
CA PHE A 294 10.92 1.28 -12.63
C PHE A 294 10.90 0.49 -13.93
N LEU A 295 10.72 -0.83 -13.84
CA LEU A 295 10.58 -1.67 -15.05
C LEU A 295 9.27 -1.40 -15.79
N TYR A 296 8.21 -1.06 -15.05
CA TYR A 296 6.86 -0.79 -15.55
C TYR A 296 6.44 0.69 -15.63
N ALA A 297 7.41 1.60 -15.52
CA ALA A 297 7.21 3.04 -15.85
C ALA A 297 8.46 3.78 -16.43
N LYS A 298 9.49 3.00 -16.82
CA LYS A 298 10.84 3.53 -17.04
C LYS A 298 11.83 2.63 -17.84
N LYS A 299 11.29 1.68 -18.62
CA LYS A 299 12.08 0.56 -19.15
C LYS A 299 13.26 0.98 -20.04
N ALA A 300 13.03 1.98 -20.88
CA ALA A 300 13.96 2.29 -21.99
C ALA A 300 15.31 2.88 -21.60
N GLN A 301 15.44 3.33 -20.36
CA GLN A 301 16.67 3.93 -19.86
C GLN A 301 17.36 3.07 -18.77
N LEU A 302 16.90 1.83 -18.59
CA LEU A 302 17.55 0.89 -17.71
C LEU A 302 18.19 -0.25 -18.51
N PRO A 303 19.29 -0.82 -18.00
CA PRO A 303 19.92 -1.99 -18.63
C PRO A 303 19.11 -3.26 -18.37
N THR A 304 19.31 -4.30 -19.16
CA THR A 304 18.76 -5.62 -18.85
C THR A 304 19.65 -6.26 -17.78
N ILE A 305 19.29 -7.47 -17.36
CA ILE A 305 20.12 -8.24 -16.45
C ILE A 305 21.51 -8.50 -17.07
N PRO A 306 21.54 -9.02 -18.33
CA PRO A 306 22.86 -9.23 -19.00
C PRO A 306 23.61 -7.93 -19.21
N GLY A 307 22.88 -6.83 -19.48
CA GLY A 307 23.49 -5.55 -19.68
C GLY A 307 24.19 -5.11 -18.40
N THR A 308 23.52 -5.35 -17.28
CA THR A 308 24.07 -4.99 -15.99
C THR A 308 25.31 -5.84 -15.68
N ALA A 309 25.21 -7.14 -15.91
CA ALA A 309 26.36 -8.00 -15.71
C ALA A 309 27.57 -7.42 -16.45
N LYS A 310 27.40 -7.12 -17.73
CA LYS A 310 28.49 -6.64 -18.55
C LYS A 310 29.11 -5.42 -17.96
N ILE A 311 28.25 -4.49 -17.54
CA ILE A 311 28.72 -3.21 -17.00
C ILE A 311 29.57 -3.46 -15.76
N LEU A 312 29.09 -4.33 -14.88
CA LEU A 312 29.77 -4.58 -13.60
C LEU A 312 31.13 -5.30 -13.84
N GLN A 313 31.11 -6.31 -14.68
CA GLN A 313 32.34 -7.01 -15.05
C GLN A 313 33.38 -6.02 -15.60
N ASP A 314 32.96 -5.11 -16.48
CA ASP A 314 33.88 -4.16 -17.09
C ASP A 314 34.47 -3.17 -16.07
N LEU A 315 33.63 -2.60 -15.23
CA LEU A 315 34.11 -1.71 -14.17
C LEU A 315 35.06 -2.44 -13.21
N CYS A 316 34.70 -3.64 -12.78
CA CYS A 316 35.55 -4.42 -11.88
C CYS A 316 36.95 -4.71 -12.46
N LYS A 317 37.01 -5.00 -13.75
CA LYS A 317 38.30 -5.20 -14.43
C LYS A 317 39.06 -3.84 -14.50
N LYS A 318 38.40 -2.78 -14.92
CA LYS A 318 39.07 -1.47 -15.03
C LYS A 318 39.61 -0.94 -13.70
N LEU A 319 38.93 -1.25 -12.60
CA LEU A 319 39.28 -0.69 -11.29
C LEU A 319 39.99 -1.68 -10.37
N ASP A 320 40.23 -2.90 -10.86
CA ASP A 320 40.76 -4.00 -10.04
C ASP A 320 39.98 -4.14 -8.75
N LEU A 321 38.69 -4.35 -8.90
CA LEU A 321 37.87 -4.65 -7.77
C LEU A 321 37.26 -6.00 -8.01
N GLN A 322 37.14 -6.77 -6.94
CA GLN A 322 36.55 -8.07 -7.02
C GLN A 322 35.31 -8.22 -6.15
N LYS A 323 35.02 -7.21 -5.32
CA LYS A 323 33.85 -7.21 -4.45
C LYS A 323 32.84 -6.17 -4.96
N ILE A 324 31.58 -6.50 -4.90
CA ILE A 324 30.49 -5.61 -5.33
C ILE A 324 29.47 -5.55 -4.22
N TYR A 325 29.11 -4.34 -3.78
CA TYR A 325 27.94 -4.21 -2.92
C TYR A 325 26.72 -3.84 -3.78
N LEU A 326 25.69 -4.68 -3.73
CA LEU A 326 24.49 -4.47 -4.50
C LEU A 326 23.35 -4.00 -3.61
N ALA A 327 22.92 -2.75 -3.84
CA ALA A 327 21.67 -2.22 -3.28
C ALA A 327 20.58 -2.33 -4.36
N THR A 328 19.57 -3.13 -4.08
CA THR A 328 18.53 -3.29 -5.02
C THR A 328 17.22 -3.58 -4.35
N ASP A 329 16.16 -3.21 -5.03
CA ASP A 329 14.82 -3.59 -4.64
C ASP A 329 14.32 -4.77 -5.46
N ALA A 330 15.13 -5.25 -6.41
CA ALA A 330 14.72 -6.33 -7.27
C ALA A 330 14.46 -7.63 -6.49
N PRO A 331 13.59 -8.48 -7.03
CA PRO A 331 13.32 -9.75 -6.35
C PRO A 331 14.55 -10.69 -6.33
N ASP A 332 14.57 -11.62 -5.39
CA ASP A 332 15.73 -12.52 -5.23
C ASP A 332 16.13 -13.19 -6.54
N GLN A 333 15.13 -13.59 -7.31
CA GLN A 333 15.35 -14.32 -8.55
C GLN A 333 16.20 -13.52 -9.51
N GLU A 334 15.84 -12.26 -9.66
CA GLU A 334 16.58 -11.36 -10.54
C GLU A 334 17.99 -11.15 -10.04
N VAL A 335 18.19 -11.04 -8.73
CA VAL A 335 19.56 -10.91 -8.20
C VAL A 335 20.38 -12.17 -8.43
N ASP A 336 19.71 -13.29 -8.26
CA ASP A 336 20.29 -14.60 -8.53
C ASP A 336 20.71 -14.73 -10.01
N GLU A 337 19.84 -14.31 -10.93
CA GLU A 337 20.20 -14.36 -12.36
C GLU A 337 21.35 -13.40 -12.67
N LEU A 338 21.43 -12.25 -11.98
CA LEU A 338 22.56 -11.34 -12.17
C LEU A 338 23.88 -11.99 -11.75
N LYS A 339 23.88 -12.57 -10.55
CA LYS A 339 25.06 -13.20 -10.01
C LYS A 339 25.59 -14.31 -10.92
N ALA A 340 24.67 -15.10 -11.46
CA ALA A 340 25.03 -16.23 -12.31
C ALA A 340 25.67 -15.80 -13.61
N LEU A 341 25.51 -14.53 -13.99
CA LEU A 341 26.10 -14.00 -15.22
C LEU A 341 27.48 -13.42 -14.99
N LEU A 342 27.92 -13.37 -13.73
CA LEU A 342 29.19 -12.76 -13.42
C LEU A 342 30.33 -13.75 -13.37
N ASN A 343 31.54 -13.23 -13.51
CA ASN A 343 32.76 -14.00 -13.34
C ASN A 343 32.81 -14.67 -12.00
N GLY A 344 33.48 -15.80 -11.97
CA GLY A 344 33.63 -16.51 -10.72
C GLY A 344 34.50 -15.77 -9.74
N GLU A 345 35.46 -14.96 -10.21
CA GLU A 345 36.29 -14.19 -9.28
C GLU A 345 35.49 -13.13 -8.49
N LEU A 346 34.43 -12.62 -9.08
CA LEU A 346 33.73 -11.49 -8.46
C LEU A 346 32.75 -11.97 -7.37
N GLU A 347 32.72 -11.27 -6.24
CA GLU A 347 31.78 -11.56 -5.15
C GLU A 347 30.76 -10.43 -4.97
N VAL A 348 29.49 -10.77 -4.91
CA VAL A 348 28.40 -9.81 -4.73
C VAL A 348 27.83 -9.95 -3.33
N TYR A 349 27.78 -8.83 -2.61
CA TYR A 349 27.24 -8.76 -1.27
C TYR A 349 25.97 -7.97 -1.19
N ARG A 350 25.09 -8.35 -0.26
CA ARG A 350 23.93 -7.54 0.09
C ARG A 350 23.66 -7.64 1.58
N PHE A 351 23.08 -6.58 2.14
CA PHE A 351 22.63 -6.63 3.51
C PHE A 351 21.25 -7.30 3.54
N THR A 352 21.20 -8.52 4.08
CA THR A 352 19.98 -9.35 4.13
C THR A 352 19.64 -9.88 5.55
N ASP A 353 20.66 -9.99 6.40
CA ASP A 353 20.49 -10.26 7.84
C ASP A 353 19.94 -9.03 8.56
N THR A 354 18.67 -8.74 8.33
CA THR A 354 18.11 -7.47 8.71
C THR A 354 17.57 -7.42 10.14
N GLN A 355 17.42 -8.57 10.80
CA GLN A 355 17.07 -8.62 12.22
C GLN A 355 15.71 -7.96 12.45
N LYS A 356 15.61 -7.04 13.41
CA LYS A 356 14.38 -6.36 13.67
C LYS A 356 14.23 -5.06 12.84
N LEU A 357 15.18 -4.78 11.95
CA LEU A 357 15.17 -3.52 11.21
C LEU A 357 14.00 -3.42 10.25
N ASN A 358 13.38 -2.24 10.22
CA ASN A 358 12.32 -1.96 9.27
C ASN A 358 12.87 -1.65 7.87
N ASP A 359 11.98 -1.61 6.89
CA ASP A 359 12.34 -1.48 5.49
C ASP A 359 13.09 -0.20 5.18
N GLY A 360 12.69 0.88 5.84
CA GLY A 360 13.38 2.19 5.64
C GLY A 360 14.79 2.18 6.21
N GLN A 361 14.99 1.49 7.33
CA GLN A 361 16.32 1.37 7.91
C GLN A 361 17.25 0.58 7.02
N ILE A 362 16.72 -0.51 6.46
CA ILE A 362 17.48 -1.34 5.50
C ILE A 362 17.89 -0.52 4.28
N ALA A 363 16.98 0.28 3.81
CA ALA A 363 17.26 1.14 2.65
C ALA A 363 18.40 2.14 2.91
N ILE A 364 18.39 2.74 4.10
CA ILE A 364 19.46 3.64 4.53
C ILE A 364 20.80 2.89 4.62
N ILE A 365 20.77 1.68 5.13
CA ILE A 365 21.97 0.87 5.23
C ILE A 365 22.51 0.58 3.84
N ASP A 366 21.64 0.25 2.90
CA ASP A 366 22.10 0.04 1.52
C ASP A 366 22.79 1.31 0.97
N GLN A 367 22.20 2.46 1.27
CA GLN A 367 22.75 3.73 0.77
C GLN A 367 24.08 4.03 1.37
N TYR A 368 24.22 3.83 2.67
CA TYR A 368 25.48 4.12 3.36
C TYR A 368 26.59 3.22 2.82
N LEU A 369 26.24 1.97 2.52
CA LEU A 369 27.22 1.02 2.03
C LEU A 369 27.61 1.38 0.62
N CYS A 370 26.66 1.76 -0.23
CA CYS A 370 27.03 2.25 -1.54
C CYS A 370 27.94 3.49 -1.44
N ALA A 371 27.60 4.34 -0.47
CA ALA A 371 28.30 5.61 -0.29
C ALA A 371 29.78 5.47 0.08
N HIS A 372 30.17 4.33 0.63
CA HIS A 372 31.54 4.11 1.04
C HIS A 372 32.36 3.24 0.10
N ALA A 373 31.83 2.93 -1.07
CA ALA A 373 32.56 2.20 -2.10
C ALA A 373 33.64 3.06 -2.69
N ALA A 374 34.71 2.42 -3.18
CA ALA A 374 35.70 3.09 -4.01
C ALA A 374 35.06 3.71 -5.26
N TYR A 375 34.01 3.08 -5.78
CA TYR A 375 33.36 3.56 -7.00
C TYR A 375 31.88 3.25 -6.94
N PHE A 376 31.06 4.21 -7.34
CA PHE A 376 29.62 4.05 -7.32
C PHE A 376 28.97 4.24 -8.66
N ILE A 377 28.02 3.38 -9.00
CA ILE A 377 27.20 3.57 -10.20
C ILE A 377 25.76 3.34 -9.86
N GLY A 378 24.88 4.26 -10.28
CA GLY A 378 23.49 4.27 -9.85
C GLY A 378 22.49 4.18 -10.98
N SER A 379 21.23 4.39 -10.64
CA SER A 379 20.11 4.19 -11.57
C SER A 379 19.51 5.53 -12.00
N TYR A 380 19.06 5.55 -13.26
CA TYR A 380 18.57 6.73 -13.92
C TYR A 380 17.37 7.35 -13.19
N GLU A 381 17.52 8.62 -12.81
CA GLU A 381 16.43 9.43 -12.25
C GLU A 381 15.92 8.95 -10.90
N SER A 382 16.63 8.03 -10.23
CA SER A 382 16.24 7.55 -8.92
C SER A 382 16.76 8.47 -7.83
N THR A 383 15.84 8.90 -6.98
CA THR A 383 16.19 9.76 -5.85
C THR A 383 16.95 8.97 -4.81
N PHE A 384 16.75 7.65 -4.77
CA PHE A 384 17.56 6.78 -3.87
C PHE A 384 19.04 6.92 -4.28
N THR A 385 19.29 6.88 -5.58
CA THR A 385 20.62 7.12 -6.13
C THR A 385 21.09 8.57 -5.85
N PHE A 386 20.21 9.57 -6.01
CA PHE A 386 20.61 10.96 -5.82
C PHE A 386 21.15 11.19 -4.40
N ARG A 387 20.46 10.62 -3.43
CA ARG A 387 20.87 10.77 -2.04
C ARG A 387 22.22 10.08 -1.75
N ILE A 388 22.49 8.97 -2.41
CA ILE A 388 23.84 8.35 -2.32
C ILE A 388 24.92 9.28 -2.89
N GLN A 389 24.66 9.90 -4.02
CA GLN A 389 25.63 10.79 -4.64
C GLN A 389 25.95 11.90 -3.65
N GLU A 390 24.92 12.41 -3.00
CA GLU A 390 25.11 13.47 -1.99
C GLU A 390 25.91 13.01 -0.78
N ASP A 391 25.67 11.76 -0.33
CA ASP A 391 26.49 11.19 0.75
C ASP A 391 27.95 11.13 0.34
N ARG A 392 28.22 10.74 -0.91
CA ARG A 392 29.60 10.67 -1.39
C ARG A 392 30.23 12.04 -1.44
N GLU A 393 29.47 13.05 -1.88
CA GLU A 393 29.97 14.41 -1.84
C GLU A 393 30.41 14.80 -0.44
N ILE A 394 29.56 14.49 0.52
CA ILE A 394 29.82 14.85 1.91
C ILE A 394 31.07 14.13 2.45
N ILE A 395 31.19 12.85 2.10
CA ILE A 395 32.30 12.03 2.56
C ILE A 395 33.61 12.50 1.94
N GLY A 396 33.53 12.98 0.69
CA GLY A 396 34.67 13.60 0.02
C GLY A 396 35.34 12.79 -1.07
N PHE A 397 34.56 12.07 -1.86
CA PHE A 397 35.09 11.29 -2.98
C PHE A 397 35.29 12.17 -4.21
N PRO A 398 36.21 11.78 -5.09
CA PRO A 398 36.34 12.42 -6.39
C PRO A 398 35.04 12.28 -7.19
N ILE A 399 34.68 13.32 -7.93
CA ILE A 399 33.39 13.33 -8.60
C ILE A 399 33.28 12.23 -9.66
N SER A 400 34.42 11.80 -10.21
CA SER A 400 34.45 10.73 -11.22
C SER A 400 33.87 9.45 -10.69
N THR A 401 34.04 9.22 -9.38
CA THR A 401 33.65 7.97 -8.71
C THR A 401 32.19 7.94 -8.27
N THR A 402 31.48 9.05 -8.45
CA THR A 402 30.15 9.26 -7.87
C THR A 402 29.02 9.44 -8.88
N PHE A 403 29.20 10.38 -9.82
CA PHE A 403 28.08 10.74 -10.72
C PHE A 403 28.00 9.83 -11.95
N ASN A 404 27.69 8.56 -11.71
CA ASN A 404 27.69 7.57 -12.76
C ASN A 404 26.37 6.83 -12.74
N ARG A 405 25.87 6.53 -13.93
CA ARG A 405 24.58 5.91 -14.11
C ARG A 405 24.66 4.75 -15.09
N LEU A 406 23.89 3.68 -14.80
CA LEU A 406 23.83 2.51 -15.64
C LEU A 406 23.11 2.82 -16.95
N CYS A 407 23.77 2.59 -18.06
CA CYS A 407 23.14 2.82 -19.37
C CYS A 407 22.27 1.67 -19.87
N PRO A 408 21.29 1.98 -20.73
CA PRO A 408 20.53 0.94 -21.39
C PRO A 408 21.41 0.22 -22.42
N ASP A 409 21.04 -1.02 -22.74
CA ASP A 409 21.88 -1.89 -23.56
C ASP A 409 22.22 -1.25 -24.92
N THR A 410 21.28 -0.55 -25.52
CA THR A 410 21.52 0.01 -26.86
C THR A 410 21.94 1.48 -26.84
N GLU A 411 22.58 1.93 -25.75
CA GLU A 411 23.05 3.30 -25.67
C GLU A 411 24.18 3.43 -24.65
N PRO A 412 25.36 2.90 -25.00
CA PRO A 412 26.53 3.02 -24.10
C PRO A 412 27.07 4.46 -23.86
N THR A 413 26.67 5.45 -24.64
CA THR A 413 27.04 6.84 -24.33
C THR A 413 25.84 7.64 -23.85
N CYS A 414 25.09 7.02 -22.94
CA CYS A 414 23.86 7.61 -22.47
C CYS A 414 24.13 8.82 -21.57
N GLU A 415 23.12 9.66 -21.41
CA GLU A 415 23.16 10.81 -20.52
C GLU A 415 23.50 10.42 -19.10
N GLN A 416 24.55 11.02 -18.56
CA GLN A 416 25.00 10.75 -17.19
C GLN A 416 24.46 11.84 -16.27
N PRO A 417 24.39 11.57 -14.95
CA PRO A 417 23.64 12.50 -14.09
C PRO A 417 24.30 13.87 -13.97
N ALA A 418 23.50 14.87 -13.63
CA ALA A 418 24.01 16.22 -13.48
C ALA A 418 24.89 16.24 -12.26
N LYS A 419 25.98 16.98 -12.35
CA LYS A 419 26.97 17.02 -11.30
C LYS A 419 26.77 18.21 -10.36
N TRP A 420 25.77 18.11 -9.49
CA TRP A 420 25.59 19.12 -8.47
C TRP A 420 26.54 18.83 -7.32
N LYS A 421 27.64 19.58 -7.27
CA LYS A 421 28.71 19.34 -6.32
C LYS A 421 28.44 20.07 -5.03
N ILE A 422 28.95 19.50 -3.94
CA ILE A 422 28.78 20.11 -2.63
C ILE A 422 29.45 21.51 -2.55
N VAL A 423 28.81 22.40 -1.80
CA VAL A 423 29.28 23.76 -1.62
C VAL A 423 29.23 24.07 -0.14
N TYR A 424 30.34 24.60 0.40
CA TYR A 424 30.44 24.96 1.81
C TYR A 424 30.42 26.47 2.02
N SER A 425 30.78 27.24 0.98
CA SER A 425 30.83 28.72 1.08
C SER A 425 29.85 29.44 0.15
N SER A 426 29.54 30.70 0.46
CA SER A 426 28.72 31.56 -0.42
C SER A 426 29.57 32.30 -1.46
N ASP A 451 28.70 38.81 -24.67
CA ASP A 451 27.47 39.02 -23.86
C ASP A 451 27.71 38.96 -22.32
N GLY A 452 28.68 38.14 -21.89
CA GLY A 452 29.03 38.03 -20.47
C GLY A 452 28.11 37.13 -19.62
N TRP A 453 27.15 36.45 -20.25
CA TRP A 453 26.36 35.41 -19.57
C TRP A 453 27.22 34.19 -19.33
N SER A 454 27.13 33.60 -18.14
CA SER A 454 27.74 32.29 -17.90
C SER A 454 27.04 31.22 -18.73
N PRO A 455 27.68 30.05 -18.88
CA PRO A 455 26.91 28.93 -19.42
C PRO A 455 25.74 28.59 -18.51
N TRP A 456 24.71 27.96 -19.05
CA TRP A 456 23.59 27.48 -18.25
C TRP A 456 24.06 26.46 -17.24
N SER A 457 23.50 26.47 -16.04
CA SER A 457 23.76 25.41 -15.07
C SER A 457 23.17 24.09 -15.55
N GLU A 458 23.44 23.04 -14.79
CA GLU A 458 22.72 21.77 -14.92
C GLU A 458 21.23 22.02 -14.63
N TRP A 459 20.35 21.15 -15.14
CA TRP A 459 18.96 21.14 -14.67
C TRP A 459 18.93 20.59 -13.25
N THR A 460 18.11 21.20 -12.40
CA THR A 460 17.81 20.65 -11.10
C THR A 460 17.13 19.29 -11.27
N SER A 461 17.16 18.48 -10.22
CA SER A 461 16.35 17.26 -10.18
C SER A 461 14.87 17.62 -10.15
N CYS A 462 14.04 16.73 -10.67
CA CYS A 462 12.62 16.98 -10.76
C CYS A 462 12.06 17.21 -9.38
N SER A 463 11.16 18.17 -9.30
CA SER A 463 10.59 18.60 -8.05
C SER A 463 9.72 17.56 -7.38
N THR A 464 9.34 16.57 -8.15
CA THR A 464 8.36 15.59 -7.79
C THR A 464 8.94 14.25 -8.33
N SER A 465 8.70 13.14 -7.66
CA SER A 465 9.14 11.86 -8.19
C SER A 465 8.05 11.12 -8.88
N CYS A 466 6.84 11.57 -8.68
CA CYS A 466 5.74 11.09 -9.48
C CYS A 466 4.73 12.22 -9.81
N GLY A 467 3.98 12.05 -10.89
CA GLY A 467 3.11 13.13 -11.42
C GLY A 467 3.95 14.22 -12.07
N ASN A 468 3.34 15.30 -12.53
CA ASN A 468 4.09 16.37 -13.16
C ASN A 468 4.80 17.24 -12.13
N GLY A 469 6.08 17.49 -12.38
CA GLY A 469 6.84 18.43 -11.57
C GLY A 469 7.57 19.44 -12.43
N ILE A 470 8.56 20.08 -11.83
CA ILE A 470 9.37 21.11 -12.43
C ILE A 470 10.88 20.78 -12.33
N GLN A 471 11.58 21.10 -13.41
CA GLN A 471 13.04 21.26 -13.39
C GLN A 471 13.41 22.67 -13.86
N GLN A 472 14.51 23.21 -13.35
CA GLN A 472 15.03 24.51 -13.81
C GLN A 472 16.52 24.49 -14.01
N ARG A 473 17.03 25.45 -14.75
CA ARG A 473 18.46 25.69 -14.86
C ARG A 473 18.62 27.18 -14.93
N GLY A 474 19.77 27.67 -14.49
CA GLY A 474 20.01 29.10 -14.35
C GLY A 474 21.35 29.53 -14.86
N ARG A 475 21.51 30.84 -15.04
CA ARG A 475 22.79 31.41 -15.43
C ARG A 475 22.89 32.81 -14.87
N SER A 476 24.08 33.38 -14.91
CA SER A 476 24.30 34.71 -14.36
C SER A 476 25.12 35.57 -15.28
N CYS A 477 25.10 36.85 -14.97
CA CYS A 477 25.65 37.86 -15.82
C CYS A 477 25.83 39.12 -14.99
N ASP A 478 26.98 39.76 -15.17
CA ASP A 478 27.34 40.96 -14.45
C ASP A 478 26.74 42.16 -15.19
N SER A 479 25.59 42.63 -14.70
CA SER A 479 24.88 43.78 -15.32
C SER A 479 25.72 45.09 -15.29
N LEU A 480 26.72 45.18 -14.43
CA LEU A 480 27.57 46.36 -14.38
C LEU A 480 28.49 46.52 -15.56
N ASN A 481 28.91 45.42 -16.16
CA ASN A 481 29.87 45.50 -17.28
C ASN A 481 29.34 44.88 -18.56
N ASN A 482 28.05 44.58 -18.58
CA ASN A 482 27.39 44.01 -19.76
C ASN A 482 25.91 44.31 -19.70
N ARG A 483 25.28 44.20 -20.86
CA ARG A 483 23.85 44.44 -20.99
C ARG A 483 23.02 43.39 -20.24
N CYS A 484 23.40 42.12 -20.39
CA CYS A 484 22.75 41.02 -19.68
C CYS A 484 21.28 41.00 -19.99
N GLU A 485 20.98 40.87 -21.27
CA GLU A 485 19.63 40.78 -21.79
C GLU A 485 19.18 39.33 -21.77
N GLY A 486 17.89 39.13 -21.48
CA GLY A 486 17.28 37.83 -21.65
C GLY A 486 17.09 37.18 -20.31
N SER A 487 16.71 35.91 -20.36
CA SER A 487 16.31 35.21 -19.16
C SER A 487 17.54 34.62 -18.46
N SER A 488 17.49 34.62 -17.14
CA SER A 488 18.50 33.97 -16.32
C SER A 488 18.00 32.62 -15.74
N VAL A 489 16.76 32.26 -16.04
CA VAL A 489 16.20 30.97 -15.61
C VAL A 489 15.35 30.35 -16.69
N GLN A 490 15.44 29.03 -16.82
CA GLN A 490 14.53 28.30 -17.67
C GLN A 490 13.82 27.26 -16.81
N THR A 491 12.58 27.00 -17.20
CA THR A 491 11.74 26.03 -16.51
C THR A 491 11.11 25.06 -17.53
N ARG A 492 10.98 23.80 -17.13
CA ARG A 492 10.28 22.81 -17.93
C ARG A 492 9.58 21.78 -17.03
N THR A 493 8.48 21.21 -17.54
CA THR A 493 7.76 20.12 -16.84
C THR A 493 8.60 18.87 -16.94
N CYS A 494 8.62 18.09 -15.86
CA CYS A 494 9.22 16.81 -15.81
C CYS A 494 8.19 15.83 -15.20
N HIS A 495 8.42 14.58 -15.47
CA HIS A 495 7.47 13.55 -15.06
C HIS A 495 8.24 12.25 -14.99
N ILE A 496 8.50 11.77 -13.78
CA ILE A 496 9.41 10.65 -13.62
C ILE A 496 8.62 9.36 -13.78
N GLN A 497 7.46 9.31 -13.14
CA GLN A 497 6.54 8.20 -13.32
C GLN A 497 5.18 8.61 -12.79
N GLU A 498 4.19 7.74 -12.92
CA GLU A 498 2.86 8.02 -12.37
C GLU A 498 2.82 7.70 -10.89
N CYS A 499 1.99 8.42 -10.14
CA CYS A 499 1.87 8.16 -8.69
C CYS A 499 1.04 6.92 -8.35
N GLU B 40 -34.93 -7.55 25.43
CA GLU B 40 -34.78 -8.89 24.78
C GLU B 40 -33.77 -8.88 23.63
N LYS B 41 -33.64 -7.76 22.91
CA LYS B 41 -32.60 -7.62 21.89
C LYS B 41 -31.18 -7.81 22.42
N LYS B 42 -30.36 -8.52 21.64
CA LYS B 42 -28.92 -8.51 21.87
C LYS B 42 -28.25 -8.22 20.54
N PHE B 43 -27.06 -7.64 20.62
CA PHE B 43 -26.37 -7.17 19.42
C PHE B 43 -25.01 -7.83 19.27
N LEU B 44 -24.75 -8.39 18.09
CA LEU B 44 -23.42 -8.93 17.77
C LEU B 44 -22.70 -8.01 16.77
N LEU B 45 -21.49 -7.62 17.14
CA LEU B 45 -20.59 -6.84 16.30
C LEU B 45 -19.34 -7.66 16.08
N TYR B 46 -18.58 -7.37 15.04
CA TYR B 46 -17.31 -8.07 14.82
C TYR B 46 -16.30 -7.28 14.04
N ASP B 47 -15.06 -7.76 14.01
CA ASP B 47 -14.06 -7.25 13.09
C ASP B 47 -13.11 -8.41 12.75
N VAL B 48 -12.19 -8.12 11.86
CA VAL B 48 -11.30 -9.13 11.29
C VAL B 48 -9.90 -8.55 11.25
N ASN B 49 -8.91 -9.43 11.24
CA ASN B 49 -7.53 -9.05 11.08
C ASN B 49 -7.37 -7.89 10.09
N PHE B 50 -6.68 -6.82 10.48
CA PHE B 50 -6.62 -5.60 9.63
C PHE B 50 -6.11 -5.84 8.22
N GLY B 51 -5.18 -6.76 8.03
CA GLY B 51 -4.65 -7.05 6.71
C GLY B 51 -5.53 -7.82 5.74
N GLU B 52 -6.70 -8.28 6.19
CA GLU B 52 -7.63 -8.99 5.34
C GLU B 52 -8.42 -8.00 4.45
N GLY B 53 -8.50 -8.33 3.17
CA GLY B 53 -9.29 -7.59 2.18
C GLY B 53 -10.78 -7.88 2.12
N PHE B 54 -11.42 -7.19 1.16
CA PHE B 54 -12.88 -7.12 1.05
C PHE B 54 -13.52 -8.52 0.90
N ASN B 55 -12.99 -9.31 -0.03
CA ASN B 55 -13.57 -10.62 -0.32
C ASN B 55 -13.30 -11.74 0.66
N LEU B 56 -12.23 -11.66 1.43
CA LEU B 56 -12.10 -12.55 2.55
C LEU B 56 -13.09 -12.13 3.64
N ARG B 57 -13.28 -10.83 3.80
CA ARG B 57 -14.26 -10.32 4.77
C ARG B 57 -15.69 -10.70 4.47
N ARG B 58 -16.04 -10.77 3.19
CA ARG B 58 -17.34 -11.24 2.78
C ARG B 58 -17.56 -12.69 3.20
N ASP B 59 -16.50 -13.51 3.20
CA ASP B 59 -16.63 -14.89 3.63
C ASP B 59 -16.80 -15.00 5.13
N VAL B 60 -16.12 -14.15 5.88
CA VAL B 60 -16.30 -14.10 7.33
C VAL B 60 -17.72 -13.67 7.71
N TYR B 61 -18.31 -12.76 6.94
CA TYR B 61 -19.69 -12.33 7.19
C TYR B 61 -20.58 -13.55 7.29
N MET B 62 -20.39 -14.48 6.34
CA MET B 62 -21.21 -15.68 6.31
C MET B 62 -21.00 -16.56 7.52
N ARG B 63 -19.77 -16.61 8.04
CA ARG B 63 -19.50 -17.37 9.23
C ARG B 63 -20.26 -16.76 10.41
N VAL B 64 -20.18 -15.45 10.53
CA VAL B 64 -20.80 -14.72 11.66
C VAL B 64 -22.33 -14.65 11.55
N ALA B 65 -22.83 -14.49 10.32
CA ALA B 65 -24.26 -14.56 10.07
C ALA B 65 -24.86 -15.92 10.47
N ASN B 66 -24.16 -17.01 10.18
CA ASN B 66 -24.62 -18.33 10.60
C ASN B 66 -24.57 -18.53 12.10
N THR B 67 -23.66 -17.85 12.79
CA THR B 67 -23.69 -17.85 14.27
C THR B 67 -24.99 -17.20 14.73
N VAL B 68 -25.34 -16.09 14.10
CA VAL B 68 -26.55 -15.36 14.47
C VAL B 68 -27.80 -16.18 14.17
N ARG B 69 -27.79 -16.87 13.03
CA ARG B 69 -28.85 -17.77 12.64
C ARG B 69 -29.05 -18.83 13.74
N SER B 70 -27.97 -19.47 14.19
CA SER B 70 -28.06 -20.49 15.24
C SER B 70 -28.58 -19.90 16.53
N LEU B 71 -28.06 -18.76 16.92
CA LEU B 71 -28.48 -18.08 18.14
C LEU B 71 -29.99 -17.82 18.12
N ARG B 72 -30.49 -17.38 16.97
CA ARG B 72 -31.89 -17.07 16.83
C ARG B 72 -32.73 -18.34 16.76
N ASP B 73 -32.28 -19.35 16.02
CA ASP B 73 -32.96 -20.65 15.99
C ASP B 73 -33.09 -21.22 17.41
N SER B 74 -32.09 -21.02 18.25
CA SER B 74 -32.21 -21.37 19.65
C SER B 74 -33.16 -20.30 20.22
N GLY B 75 -32.85 -19.68 21.34
CA GLY B 75 -33.84 -18.78 21.94
C GLY B 75 -33.66 -17.29 21.72
N GLU B 76 -32.56 -16.89 21.09
CA GLU B 76 -31.99 -15.56 21.34
C GLU B 76 -32.33 -14.52 20.28
N ASN B 77 -32.77 -13.35 20.72
CA ASN B 77 -33.12 -12.26 19.82
C ASN B 77 -31.89 -11.45 19.44
N TYR B 78 -30.99 -12.09 18.71
CA TYR B 78 -29.74 -11.47 18.28
C TYR B 78 -29.87 -10.72 16.96
N ILE B 79 -29.29 -9.53 16.93
CA ILE B 79 -29.22 -8.73 15.72
C ILE B 79 -27.75 -8.59 15.33
N LEU B 80 -27.45 -8.79 14.05
CA LEU B 80 -26.08 -8.59 13.56
C LEU B 80 -25.87 -7.15 13.19
N VAL B 81 -24.85 -6.53 13.77
CA VAL B 81 -24.46 -5.18 13.41
C VAL B 81 -23.37 -5.28 12.35
N LEU B 82 -23.60 -4.65 11.21
CA LEU B 82 -22.70 -4.75 10.09
C LEU B 82 -21.53 -3.84 10.30
N PRO B 83 -20.31 -4.40 10.28
CA PRO B 83 -19.13 -3.60 10.52
C PRO B 83 -18.84 -2.63 9.37
N PRO B 84 -18.64 -1.35 9.69
CA PRO B 84 -18.30 -0.43 8.62
C PRO B 84 -17.09 -0.92 7.82
N TRP B 85 -17.12 -0.70 6.51
CA TRP B 85 -15.99 -1.01 5.67
C TRP B 85 -14.98 0.13 5.71
N GLY B 86 -13.70 -0.22 5.85
CA GLY B 86 -12.70 0.84 5.82
C GLY B 86 -11.24 0.45 5.95
N ARG B 87 -10.39 1.35 5.45
CA ARG B 87 -8.96 1.16 5.20
C ARG B 87 -8.58 -0.29 4.96
N LEU B 88 -8.97 -0.78 3.80
CA LEU B 88 -8.60 -2.14 3.34
C LEU B 88 -7.44 -1.92 2.41
N HIS B 89 -6.60 -2.93 2.24
CA HIS B 89 -5.58 -2.85 1.21
C HIS B 89 -6.26 -2.74 -0.18
N HIS B 90 -5.57 -2.03 -1.08
CA HIS B 90 -6.10 -1.53 -2.38
C HIS B 90 -7.08 -0.37 -2.28
N TRP B 91 -7.61 -0.08 -1.10
CA TRP B 91 -8.51 1.09 -0.97
C TRP B 91 -7.73 2.36 -0.68
N LYS B 92 -8.34 3.49 -1.04
CA LYS B 92 -7.83 4.79 -0.69
C LYS B 92 -7.86 4.91 0.82
N ARG B 93 -6.84 5.51 1.39
CA ARG B 93 -6.74 5.58 2.84
C ARG B 93 -7.86 6.39 3.51
N MET B 94 -8.53 7.28 2.75
CA MET B 94 -9.69 8.03 3.27
C MET B 94 -11.08 7.38 3.09
N GLU B 95 -11.13 6.17 2.53
CA GLU B 95 -12.36 5.42 2.41
C GLU B 95 -12.48 4.63 3.68
N VAL B 96 -13.14 5.22 4.67
CA VAL B 96 -13.32 4.59 5.96
C VAL B 96 -14.75 4.79 6.43
N ALA B 97 -15.15 3.96 7.41
CA ALA B 97 -16.47 4.00 8.02
C ALA B 97 -17.58 4.03 6.98
N LEU B 98 -17.52 3.17 5.97
CA LEU B 98 -18.48 3.14 4.88
C LEU B 98 -19.60 2.15 5.12
N SER B 99 -20.84 2.58 4.90
CA SER B 99 -22.03 1.73 5.02
C SER B 99 -22.06 0.53 4.09
N TRP B 100 -22.70 -0.55 4.57
CA TRP B 100 -22.92 -1.74 3.74
C TRP B 100 -23.85 -1.46 2.55
N ARG B 101 -24.83 -0.57 2.71
CA ARG B 101 -25.76 -0.23 1.62
C ARG B 101 -25.07 0.24 0.33
N LEU B 102 -23.86 0.81 0.43
CA LEU B 102 -23.11 1.21 -0.74
C LEU B 102 -22.71 0.02 -1.63
N PHE B 103 -22.60 -1.16 -1.03
CA PHE B 103 -22.11 -2.35 -1.74
C PHE B 103 -23.17 -3.45 -1.87
N PHE B 104 -23.99 -3.63 -0.84
CA PHE B 104 -24.93 -4.74 -0.77
C PHE B 104 -26.38 -4.26 -0.56
N ASP B 105 -27.32 -5.12 -0.96
CA ASP B 105 -28.74 -4.91 -0.74
C ASP B 105 -29.17 -5.40 0.64
N LEU B 106 -29.36 -4.49 1.59
CA LEU B 106 -29.72 -4.89 2.98
C LEU B 106 -30.99 -5.71 3.06
N GLU B 107 -31.97 -5.40 2.22
CA GLU B 107 -33.21 -6.14 2.24
C GLU B 107 -32.94 -7.62 1.99
N SER B 108 -32.03 -7.91 1.07
CA SER B 108 -31.63 -9.28 0.80
C SER B 108 -30.95 -9.93 2.02
N LEU B 109 -29.95 -9.26 2.57
CA LEU B 109 -29.27 -9.73 3.78
C LEU B 109 -30.26 -10.01 4.91
N ASN B 110 -31.29 -9.17 5.05
CA ASN B 110 -32.29 -9.27 6.11
C ASN B 110 -33.19 -10.49 6.00
N ARG B 111 -33.26 -11.07 4.82
CA ARG B 111 -34.03 -12.27 4.65
C ARG B 111 -33.41 -13.47 5.31
N PHE B 112 -32.11 -13.41 5.59
CA PHE B 112 -31.45 -14.54 6.22
C PHE B 112 -31.42 -14.35 7.73
N ILE B 113 -30.99 -13.17 8.19
CA ILE B 113 -30.98 -12.81 9.61
C ILE B 113 -31.22 -11.32 9.75
N PRO B 114 -31.69 -10.85 10.92
CA PRO B 114 -31.82 -9.41 11.10
C PRO B 114 -30.46 -8.70 11.18
N VAL B 115 -30.29 -7.74 10.30
CA VAL B 115 -29.07 -6.97 10.17
C VAL B 115 -29.32 -5.47 10.36
N ILE B 116 -28.42 -4.77 11.04
CA ILE B 116 -28.43 -3.28 11.05
C ILE B 116 -27.03 -2.68 10.81
N GLU B 117 -27.00 -1.47 10.25
CA GLU B 117 -25.73 -0.74 10.08
C GLU B 117 -25.21 -0.28 11.43
N PHE B 118 -23.89 -0.06 11.50
CA PHE B 118 -23.25 0.32 12.74
C PHE B 118 -23.76 1.67 13.20
N GLU B 119 -24.01 2.57 12.25
CA GLU B 119 -24.57 3.89 12.58
C GLU B 119 -25.96 3.76 13.20
N ASP B 120 -26.77 2.83 12.72
CA ASP B 120 -28.05 2.53 13.34
C ASP B 120 -27.84 2.09 14.78
N PHE B 121 -26.88 1.18 14.98
CA PHE B 121 -26.60 0.66 16.32
C PHE B 121 -26.20 1.79 17.27
N LEU B 122 -25.35 2.71 16.83
CA LEU B 122 -24.97 3.86 17.64
C LEU B 122 -26.17 4.77 17.95
N ASP B 123 -27.09 4.90 16.99
CA ASP B 123 -28.34 5.65 17.17
C ASP B 123 -29.35 4.66 17.75
N GLU B 124 -29.48 4.69 19.07
CA GLU B 124 -29.94 3.55 19.86
C GLU B 124 -29.17 3.60 21.18
N ASN B 125 -28.07 4.34 21.16
CA ASN B 125 -27.28 4.70 22.33
C ASN B 125 -27.06 3.57 23.31
N ARG B 126 -26.43 2.53 22.78
CA ARG B 126 -26.03 1.36 23.54
C ARG B 126 -24.54 1.37 23.72
N PRO B 127 -24.07 1.04 24.93
CA PRO B 127 -22.62 0.84 25.01
C PRO B 127 -22.24 -0.48 24.34
N ILE B 128 -21.00 -0.58 23.86
CA ILE B 128 -20.44 -1.91 23.60
C ILE B 128 -20.04 -2.44 24.97
N ASP B 129 -20.69 -3.52 25.39
CA ASP B 129 -20.51 -4.03 26.73
C ASP B 129 -19.24 -4.89 26.89
N GLN B 130 -18.83 -5.53 25.80
CA GLN B 130 -17.78 -6.52 25.85
C GLN B 130 -17.11 -6.65 24.49
N VAL B 131 -15.79 -6.70 24.51
CA VAL B 131 -15.00 -7.17 23.35
C VAL B 131 -14.38 -8.50 23.71
N ILE B 132 -14.52 -9.44 22.79
CA ILE B 132 -13.86 -10.70 22.90
C ILE B 132 -12.88 -10.82 21.74
N TYR B 133 -11.59 -10.86 22.06
CA TYR B 133 -10.53 -10.92 21.05
C TYR B 133 -10.13 -12.38 20.83
N LEU B 134 -10.48 -12.91 19.68
CA LEU B 134 -10.26 -14.29 19.46
C LEU B 134 -8.81 -14.54 19.05
N GLN B 135 -8.29 -15.69 19.43
CA GLN B 135 -6.89 -16.02 19.22
C GLN B 135 -6.77 -17.53 19.20
N HIS B 136 -5.60 -18.01 18.77
CA HIS B 136 -5.33 -19.45 18.74
C HIS B 136 -4.98 -20.00 20.12
N TYR B 137 -5.03 -21.34 20.24
CA TYR B 137 -4.38 -22.03 21.34
C TYR B 137 -2.89 -22.04 21.04
N ALA B 138 -2.08 -21.45 21.94
CA ALA B 138 -0.62 -21.35 21.70
C ALA B 138 0.05 -22.69 21.45
N GLU B 139 -0.49 -23.75 22.05
CA GLU B 139 0.04 -25.10 21.84
C GLU B 139 -0.34 -25.69 20.49
N GLY B 140 -1.33 -25.09 19.82
CA GLY B 140 -1.73 -25.51 18.50
C GLY B 140 -2.70 -26.66 18.54
N TRP B 141 -3.32 -26.93 17.40
CA TRP B 141 -4.30 -28.03 17.30
C TRP B 141 -3.65 -29.41 17.26
N GLY B 142 -4.38 -30.41 17.75
CA GLY B 142 -3.84 -31.76 18.00
C GLY B 142 -4.26 -32.77 16.95
N THR B 143 -4.24 -34.05 17.33
CA THR B 143 -4.59 -35.10 16.38
C THR B 143 -6.03 -35.03 15.90
N GLU B 144 -6.91 -34.42 16.70
CA GLU B 144 -8.23 -33.97 16.21
C GLU B 144 -8.31 -32.47 16.31
N TYR B 145 -9.16 -31.90 15.48
CA TYR B 145 -9.40 -30.49 15.54
C TYR B 145 -10.54 -30.29 16.53
N VAL B 146 -10.16 -30.21 17.79
CA VAL B 146 -11.12 -30.14 18.89
C VAL B 146 -11.80 -28.77 18.90
N ARG B 147 -13.12 -28.76 18.89
CA ARG B 147 -13.86 -27.53 19.04
C ARG B 147 -13.90 -27.15 20.51
N LYS B 148 -13.36 -25.98 20.87
CA LYS B 148 -13.25 -25.58 22.27
C LYS B 148 -12.94 -24.12 22.36
N PHE B 149 -13.23 -23.51 23.51
CA PHE B 149 -12.77 -22.17 23.80
C PHE B 149 -12.47 -21.98 25.28
N GLU B 150 -11.63 -21.01 25.59
CA GLU B 150 -11.16 -20.79 26.95
C GLU B 150 -10.54 -19.42 27.01
N LYS B 151 -10.93 -18.66 28.04
CA LYS B 151 -10.30 -17.36 28.29
C LYS B 151 -8.84 -17.61 28.62
N ARG B 152 -7.95 -16.78 28.07
CA ARG B 152 -6.52 -16.94 28.23
C ARG B 152 -5.83 -15.59 28.14
N SER B 153 -4.58 -15.53 28.61
CA SER B 153 -3.75 -14.35 28.47
C SER B 153 -3.67 -14.00 27.03
N CYS B 154 -3.62 -12.70 26.76
CA CYS B 154 -3.61 -12.21 25.41
C CYS B 154 -2.29 -12.50 24.71
N LEU B 155 -2.39 -13.10 23.53
CA LEU B 155 -1.25 -13.29 22.65
C LEU B 155 -1.05 -12.04 21.81
N PRO B 156 0.19 -11.82 21.33
CA PRO B 156 0.50 -10.64 20.51
C PRO B 156 -0.52 -10.38 19.42
N PRO B 157 -0.47 -9.13 18.91
CA PRO B 157 -1.22 -7.94 18.62
C PRO B 157 -2.23 -7.47 19.66
N ALA B 158 -2.89 -8.35 20.39
CA ALA B 158 -4.08 -7.97 21.16
C ALA B 158 -3.86 -6.72 22.02
N GLU B 159 -2.77 -6.72 22.77
CA GLU B 159 -2.52 -5.63 23.71
C GLU B 159 -2.01 -4.36 23.03
N SER B 160 -1.54 -4.47 21.79
CA SER B 160 -1.25 -3.31 20.96
C SER B 160 -2.49 -2.68 20.33
N HIS B 161 -3.63 -3.37 20.38
CA HIS B 161 -4.86 -2.92 19.69
C HIS B 161 -5.98 -2.47 20.63
N TYR B 162 -5.87 -2.80 21.90
CA TYR B 162 -6.86 -2.38 22.88
C TYR B 162 -6.15 -2.03 24.17
N LYS B 163 -6.58 -0.93 24.79
CA LYS B 163 -5.93 -0.39 25.97
C LYS B 163 -6.99 -0.02 26.99
N GLN B 164 -6.81 -0.44 28.23
CA GLN B 164 -7.76 -0.06 29.29
C GLN B 164 -7.43 1.37 29.75
N VAL B 165 -8.11 2.37 29.18
CA VAL B 165 -7.79 3.75 29.53
C VAL B 165 -8.55 4.27 30.75
N GLU B 166 -9.72 3.69 31.02
CA GLU B 166 -10.43 3.84 32.33
C GLU B 166 -10.90 2.43 32.69
N GLU B 167 -11.46 2.24 33.90
CA GLU B 167 -11.81 0.88 34.34
C GLU B 167 -12.81 0.29 33.38
N PHE B 168 -13.84 1.07 33.06
CA PHE B 168 -14.83 0.63 32.11
C PHE B 168 -14.74 1.35 30.75
N LYS B 169 -13.52 1.57 30.28
CA LYS B 169 -13.28 2.18 28.98
C LYS B 169 -12.02 1.57 28.32
N TRP B 170 -12.27 0.71 27.35
CA TRP B 170 -11.20 0.06 26.58
C TRP B 170 -11.19 0.71 25.18
N LYS B 171 -10.06 1.28 24.81
CA LYS B 171 -9.94 2.04 23.58
C LYS B 171 -9.39 1.07 22.52
N GLY B 172 -9.77 1.29 21.28
CA GLY B 172 -9.35 0.43 20.18
C GLY B 172 -9.72 1.11 18.89
N TRP B 173 -9.48 0.46 17.76
CA TRP B 173 -9.80 1.03 16.44
C TRP B 173 -11.27 1.42 16.30
N PHE B 174 -12.16 0.47 16.63
CA PHE B 174 -13.61 0.62 16.51
C PHE B 174 -14.03 1.30 15.19
N TYR B 175 -13.45 0.77 14.11
CA TYR B 175 -13.80 1.17 12.75
C TYR B 175 -13.54 2.66 12.43
N SER B 176 -12.59 3.27 13.16
CA SER B 176 -12.21 4.71 13.08
C SER B 176 -13.01 5.67 13.94
N TYR B 177 -14.02 5.16 14.66
CA TYR B 177 -14.87 6.00 15.51
C TYR B 177 -14.16 6.29 16.85
N GLU B 178 -13.66 7.52 16.96
CA GLU B 178 -12.85 7.93 18.10
C GLU B 178 -13.58 7.98 19.43
N ASP B 179 -14.90 8.14 19.44
CA ASP B 179 -15.62 8.22 20.70
C ASP B 179 -16.15 6.89 21.20
N VAL B 180 -16.02 5.84 20.39
CA VAL B 180 -16.55 4.54 20.75
C VAL B 180 -15.52 3.80 21.62
N TYR B 181 -16.03 2.99 22.53
CA TYR B 181 -15.18 2.25 23.45
C TYR B 181 -15.97 1.08 23.98
N SER B 182 -15.27 0.14 24.60
CA SER B 182 -15.92 -1.00 25.22
C SER B 182 -15.76 -0.98 26.74
N ARG B 183 -16.75 -1.48 27.45
CA ARG B 183 -16.72 -1.52 28.91
C ARG B 183 -15.83 -2.61 29.42
N ASN B 184 -15.64 -3.64 28.60
CA ASN B 184 -14.91 -4.81 29.01
C ASN B 184 -14.11 -5.38 27.82
N PHE B 185 -13.06 -6.12 28.15
CA PHE B 185 -12.20 -6.73 27.14
C PHE B 185 -11.55 -7.97 27.68
N GLN B 186 -11.38 -8.95 26.82
CA GLN B 186 -10.78 -10.19 27.19
C GLN B 186 -10.33 -10.92 25.89
N CYS B 187 -9.27 -11.74 25.99
CA CYS B 187 -8.89 -12.66 24.91
C CYS B 187 -9.39 -14.06 25.22
N VAL B 188 -9.89 -14.73 24.18
CA VAL B 188 -10.33 -16.10 24.26
C VAL B 188 -9.67 -16.93 23.17
N SER B 189 -8.95 -17.94 23.58
CA SER B 189 -8.45 -18.93 22.62
C SER B 189 -9.59 -19.81 22.18
N ILE B 190 -9.74 -20.00 20.87
CA ILE B 190 -10.83 -20.76 20.33
C ILE B 190 -10.39 -21.58 19.11
N GLN B 191 -10.85 -22.83 19.05
CA GLN B 191 -10.87 -23.62 17.83
C GLN B 191 -12.31 -23.99 17.59
N GLY B 192 -12.76 -23.85 16.35
CA GLY B 192 -14.11 -24.22 16.02
C GLY B 192 -14.79 -23.39 14.98
N ASP B 193 -16.11 -23.47 14.97
CA ASP B 193 -16.91 -22.99 13.89
C ASP B 193 -18.00 -22.05 14.37
N SER B 194 -18.86 -21.65 13.43
CA SER B 194 -20.02 -20.83 13.73
C SER B 194 -20.81 -21.32 14.94
N GLY B 195 -20.94 -22.62 15.10
CA GLY B 195 -21.61 -23.18 16.26
C GLY B 195 -20.84 -22.97 17.57
N THR B 196 -19.51 -23.12 17.51
CA THR B 196 -18.67 -22.92 18.66
C THR B 196 -18.74 -21.45 19.10
N LEU B 197 -18.84 -20.54 18.14
CA LEU B 197 -18.97 -19.15 18.51
C LEU B 197 -20.29 -18.88 19.21
N LYS B 198 -21.34 -19.54 18.75
CA LYS B 198 -22.66 -19.47 19.38
C LYS B 198 -22.52 -19.81 20.84
N ASP B 199 -21.85 -20.91 21.10
CA ASP B 199 -21.68 -21.40 22.44
C ASP B 199 -20.91 -20.41 23.30
N LEU B 200 -19.87 -19.80 22.72
CA LEU B 200 -19.08 -18.83 23.44
C LEU B 200 -19.95 -17.66 23.86
N LEU B 201 -20.73 -17.15 22.93
CA LEU B 201 -21.55 -15.98 23.17
C LEU B 201 -22.66 -16.23 24.23
N LYS B 202 -23.13 -17.48 24.34
CA LYS B 202 -24.11 -17.86 25.36
C LYS B 202 -23.47 -18.22 26.70
N HIS B 203 -22.14 -18.22 26.81
CA HIS B 203 -21.48 -18.63 28.05
C HIS B 203 -21.85 -17.69 29.20
N SER B 204 -21.96 -18.22 30.42
CA SER B 204 -22.37 -17.43 31.61
C SER B 204 -21.56 -16.15 31.81
N ASN B 205 -20.27 -16.23 31.54
CA ASN B 205 -19.40 -15.08 31.62
C ASN B 205 -19.91 -13.80 30.93
N PHE B 206 -20.74 -13.92 29.90
CA PHE B 206 -21.18 -12.74 29.17
C PHE B 206 -22.66 -12.49 29.31
N SER B 207 -23.29 -13.20 30.24
CA SER B 207 -24.75 -13.09 30.46
C SER B 207 -25.20 -11.65 30.74
N GLU B 208 -24.33 -10.80 31.27
CA GLU B 208 -24.71 -9.43 31.59
C GLU B 208 -24.58 -8.44 30.43
N SER B 209 -24.06 -8.88 29.29
CA SER B 209 -23.85 -7.98 28.15
C SER B 209 -24.98 -8.04 27.16
N THR B 210 -25.33 -6.88 26.62
CA THR B 210 -26.35 -6.78 25.58
C THR B 210 -25.71 -6.67 24.20
N SER B 211 -24.57 -5.99 24.14
CA SER B 211 -23.84 -5.80 22.90
C SER B 211 -22.43 -6.36 23.05
N ILE B 212 -22.06 -7.27 22.16
CA ILE B 212 -20.75 -7.90 22.21
C ILE B 212 -20.06 -7.84 20.85
N MET B 213 -18.80 -7.44 20.87
CA MET B 213 -17.97 -7.39 19.69
C MET B 213 -16.92 -8.49 19.70
N VAL B 214 -16.93 -9.29 18.66
CA VAL B 214 -15.97 -10.38 18.51
C VAL B 214 -14.93 -9.93 17.49
N ASP B 215 -13.70 -9.71 17.96
CA ASP B 215 -12.60 -9.35 17.08
C ASP B 215 -11.84 -10.61 16.64
N ARG B 216 -11.12 -10.44 15.55
CA ARG B 216 -10.43 -11.54 14.84
C ARG B 216 -11.37 -12.69 14.49
N ALA B 217 -12.56 -12.32 14.01
CA ALA B 217 -13.56 -13.28 13.65
C ALA B 217 -13.12 -14.27 12.58
N GLU B 218 -12.07 -13.95 11.81
CA GLU B 218 -11.54 -14.95 10.87
C GLU B 218 -10.97 -16.20 11.52
N THR B 219 -10.79 -16.17 12.83
CA THR B 219 -10.34 -17.30 13.59
C THR B 219 -11.39 -18.43 13.51
N ILE B 220 -12.66 -18.08 13.34
CA ILE B 220 -13.77 -19.05 13.32
C ILE B 220 -13.95 -19.63 11.92
N LEU B 221 -14.22 -20.94 11.85
CA LEU B 221 -14.45 -21.69 10.61
C LEU B 221 -15.93 -21.79 10.29
N HIS B 222 -16.24 -22.14 9.05
CA HIS B 222 -17.59 -22.45 8.68
C HIS B 222 -17.97 -23.75 9.32
N GLU B 223 -19.20 -23.83 9.79
CA GLU B 223 -19.87 -25.10 10.10
C GLU B 223 -20.50 -25.59 8.81
N HIS B 224 -20.30 -26.84 8.47
CA HIS B 224 -20.91 -27.41 7.23
C HIS B 224 -20.60 -26.63 5.96
N TYR B 225 -19.29 -26.44 5.74
CA TYR B 225 -18.78 -25.70 4.60
C TYR B 225 -19.45 -26.21 3.35
N GLY B 226 -19.95 -25.29 2.52
CA GLY B 226 -20.52 -25.66 1.21
C GLY B 226 -21.86 -26.39 1.21
N GLU B 227 -22.56 -26.41 2.35
CA GLU B 227 -23.90 -27.03 2.46
C GLU B 227 -24.99 -25.94 2.48
N VAL B 228 -26.22 -26.28 2.89
CA VAL B 228 -27.37 -25.40 2.61
C VAL B 228 -27.22 -24.03 3.24
N ASP B 229 -26.86 -23.99 4.52
CA ASP B 229 -26.83 -22.71 5.26
C ASP B 229 -25.68 -21.78 4.86
N TYR B 230 -24.54 -22.38 4.51
CA TYR B 230 -23.43 -21.66 3.91
C TYR B 230 -23.86 -20.95 2.67
N TRP B 231 -24.53 -21.69 1.80
CA TRP B 231 -25.04 -21.11 0.56
C TRP B 231 -26.22 -20.16 0.77
N LYS B 232 -27.06 -20.38 1.78
CA LYS B 232 -28.08 -19.37 2.04
C LYS B 232 -27.45 -18.05 2.39
N ALA B 233 -26.42 -18.09 3.24
CA ALA B 233 -25.72 -16.87 3.66
C ALA B 233 -25.05 -16.18 2.47
N ARG B 234 -24.39 -16.97 1.61
CA ARG B 234 -23.80 -16.46 0.40
C ARG B 234 -24.86 -15.86 -0.52
N ARG B 235 -25.94 -16.59 -0.75
CA ARG B 235 -27.05 -16.14 -1.63
C ARG B 235 -27.70 -14.84 -1.19
N SER B 236 -27.69 -14.57 0.12
CA SER B 236 -28.33 -13.39 0.63
C SER B 236 -27.54 -12.13 0.35
N MET B 237 -26.29 -12.28 -0.07
CA MET B 237 -25.42 -11.13 -0.22
C MET B 237 -25.54 -10.63 -1.65
N ARG B 238 -26.74 -10.15 -1.97
CA ARG B 238 -26.99 -9.54 -3.27
C ARG B 238 -26.31 -8.19 -3.27
N TYR B 239 -25.71 -7.84 -4.40
CA TYR B 239 -25.14 -6.51 -4.56
C TYR B 239 -26.23 -5.40 -4.57
N SER B 240 -25.80 -4.18 -4.25
CA SER B 240 -26.63 -3.01 -4.23
C SER B 240 -27.23 -2.78 -5.63
N ASN B 241 -28.50 -2.39 -5.68
CA ASN B 241 -29.21 -2.17 -6.95
C ASN B 241 -28.53 -1.14 -7.85
N ASP B 242 -28.06 -0.05 -7.27
CA ASP B 242 -27.37 0.98 -8.05
C ASP B 242 -26.15 0.45 -8.75
N LEU B 243 -25.41 -0.42 -8.09
CA LEU B 243 -24.25 -1.06 -8.72
C LEU B 243 -24.65 -2.04 -9.82
N VAL B 244 -25.72 -2.81 -9.60
CA VAL B 244 -26.20 -3.73 -10.61
C VAL B 244 -26.67 -2.92 -11.83
N ASP B 245 -27.34 -1.80 -11.59
CA ASP B 245 -27.81 -0.95 -12.70
C ASP B 245 -26.64 -0.47 -13.56
N VAL B 246 -25.59 0.02 -12.91
CA VAL B 246 -24.40 0.53 -13.61
C VAL B 246 -23.73 -0.58 -14.42
N ALA B 247 -23.62 -1.76 -13.82
CA ALA B 247 -23.03 -2.91 -14.51
C ALA B 247 -23.85 -3.35 -15.72
N ASP B 248 -25.17 -3.29 -15.60
CA ASP B 248 -26.03 -3.73 -16.69
C ASP B 248 -26.00 -2.72 -17.84
N ALA B 249 -25.85 -1.44 -17.50
CA ALA B 249 -25.67 -0.38 -18.52
C ALA B 249 -24.41 -0.66 -19.33
N PHE B 250 -23.32 -1.03 -18.65
CA PHE B 250 -22.05 -1.37 -19.33
C PHE B 250 -22.18 -2.59 -20.26
N ARG B 251 -22.89 -3.61 -19.79
CA ARG B 251 -23.11 -4.85 -20.56
C ARG B 251 -23.86 -4.55 -21.87
N LYS B 252 -24.92 -3.75 -21.76
CA LYS B 252 -25.72 -3.32 -22.91
C LYS B 252 -24.89 -2.52 -23.92
N LYS B 253 -24.24 -1.48 -23.42
CA LYS B 253 -23.48 -0.57 -24.27
C LYS B 253 -22.23 -1.17 -24.90
N TYR B 254 -21.51 -2.02 -24.18
CA TYR B 254 -20.20 -2.47 -24.68
C TYR B 254 -20.08 -3.96 -25.00
N LEU B 255 -20.89 -4.79 -24.33
CA LEU B 255 -20.69 -6.24 -24.31
C LEU B 255 -21.77 -7.07 -25.01
N ASP B 256 -22.69 -6.41 -25.73
CA ASP B 256 -23.84 -7.07 -26.36
C ASP B 256 -24.49 -7.99 -25.35
N SER B 257 -24.69 -7.50 -24.14
CA SER B 257 -25.13 -8.36 -23.06
C SER B 257 -26.29 -7.76 -22.26
N ASP B 258 -27.31 -8.58 -22.03
CA ASP B 258 -28.36 -8.29 -21.04
C ASP B 258 -28.93 -9.62 -20.55
N ASP B 259 -29.68 -9.55 -19.47
CA ASP B 259 -30.17 -10.76 -18.81
C ASP B 259 -31.08 -11.56 -19.71
N LYS B 260 -31.85 -10.85 -20.54
CA LYS B 260 -32.78 -11.46 -21.45
C LYS B 260 -32.05 -12.40 -22.41
N ARG B 261 -31.10 -11.85 -23.15
CA ARG B 261 -30.36 -12.66 -24.14
C ARG B 261 -29.40 -13.64 -23.50
N ASP B 262 -28.81 -13.25 -22.37
CA ASP B 262 -27.85 -14.10 -21.68
C ASP B 262 -28.52 -15.23 -20.89
N LYS B 263 -29.84 -15.13 -20.69
CA LYS B 263 -30.60 -16.06 -19.86
C LYS B 263 -30.04 -16.09 -18.44
N THR B 264 -29.78 -14.91 -17.89
CA THR B 264 -29.18 -14.78 -16.56
C THR B 264 -30.08 -14.01 -15.61
N LYS B 265 -31.35 -13.85 -15.97
CA LYS B 265 -32.34 -13.23 -15.10
C LYS B 265 -32.55 -14.01 -13.81
N LEU B 266 -32.43 -13.31 -12.68
CA LEU B 266 -32.60 -13.90 -11.35
C LEU B 266 -33.85 -13.37 -10.65
N VAL B 267 -34.52 -14.22 -9.88
CA VAL B 267 -35.68 -13.78 -9.08
C VAL B 267 -35.29 -12.63 -8.14
N ASP B 268 -36.19 -11.68 -7.92
CA ASP B 268 -35.87 -10.53 -7.07
C ASP B 268 -35.55 -10.92 -5.63
N ASP B 269 -36.29 -11.91 -5.12
CA ASP B 269 -36.17 -12.39 -3.73
C ASP B 269 -35.34 -13.67 -3.75
N TRP B 270 -34.12 -13.59 -3.23
CA TRP B 270 -33.15 -14.70 -3.34
C TRP B 270 -33.63 -16.02 -2.71
N THR B 271 -34.55 -15.92 -1.75
CA THR B 271 -35.10 -17.13 -1.11
C THR B 271 -35.91 -18.00 -2.07
N LYS B 272 -36.34 -17.43 -3.19
CA LYS B 272 -37.05 -18.18 -4.24
C LYS B 272 -36.15 -18.78 -5.32
N GLU B 273 -34.84 -18.57 -5.27
CA GLU B 273 -33.95 -19.16 -6.26
C GLU B 273 -34.12 -20.68 -6.31
N LYS B 274 -33.94 -21.26 -7.50
CA LYS B 274 -33.93 -22.70 -7.69
C LYS B 274 -32.72 -23.14 -8.54
N PRO B 275 -32.29 -24.40 -8.41
CA PRO B 275 -31.07 -24.83 -9.13
C PRO B 275 -31.25 -24.84 -10.63
N ARG B 276 -30.21 -24.42 -11.36
CA ARG B 276 -30.22 -24.49 -12.83
C ARG B 276 -28.79 -24.54 -13.35
N ARG B 277 -28.62 -25.07 -14.55
CA ARG B 277 -27.33 -25.03 -15.22
C ARG B 277 -27.46 -24.45 -16.62
N THR B 278 -28.51 -23.65 -16.83
CA THR B 278 -28.89 -23.19 -18.16
C THR B 278 -28.55 -21.72 -18.50
N ALA B 279 -27.77 -21.02 -17.67
CA ALA B 279 -27.34 -19.67 -18.03
C ALA B 279 -26.32 -19.72 -19.17
N ILE B 280 -26.43 -18.76 -20.08
CA ILE B 280 -25.60 -18.70 -21.28
C ILE B 280 -24.52 -17.63 -21.16
N GLY B 281 -24.92 -16.44 -20.69
CA GLY B 281 -23.98 -15.33 -20.50
C GLY B 281 -23.86 -14.50 -21.75
N GLY B 282 -23.34 -13.28 -21.62
CA GLY B 282 -23.09 -12.43 -22.77
C GLY B 282 -21.96 -12.96 -23.62
N PRO B 283 -21.86 -12.47 -24.86
CA PRO B 283 -20.84 -12.94 -25.79
C PRO B 283 -19.44 -12.37 -25.48
N TYR B 284 -18.95 -12.64 -24.27
CA TYR B 284 -17.61 -12.25 -23.88
C TYR B 284 -16.97 -13.22 -22.91
N LEU B 285 -15.64 -13.16 -22.88
CA LEU B 285 -14.82 -13.89 -21.95
C LEU B 285 -14.51 -12.97 -20.75
N GLY B 286 -14.69 -13.50 -19.54
CA GLY B 286 -14.34 -12.79 -18.32
C GLY B 286 -13.05 -13.30 -17.72
N ILE B 287 -12.15 -12.37 -17.37
CA ILE B 287 -10.92 -12.72 -16.71
C ILE B 287 -10.69 -11.82 -15.50
N HIS B 288 -10.43 -12.47 -14.37
CA HIS B 288 -9.90 -11.77 -13.22
C HIS B 288 -8.40 -11.97 -13.20
N TRP B 289 -7.69 -10.86 -13.34
CA TRP B 289 -6.26 -10.81 -13.44
C TRP B 289 -5.68 -10.15 -12.20
N ARG B 290 -5.34 -10.97 -11.22
CA ARG B 290 -4.92 -10.48 -9.92
C ARG B 290 -3.42 -10.32 -9.92
N ARG B 291 -2.94 -9.08 -9.78
CA ARG B 291 -1.50 -8.85 -9.78
C ARG B 291 -1.11 -8.02 -8.54
N ARG B 292 -0.42 -6.89 -8.68
CA ARG B 292 0.06 -6.12 -7.52
C ARG B 292 0.78 -7.06 -6.48
N ASP B 293 0.33 -7.07 -5.21
CA ASP B 293 0.94 -7.93 -4.18
C ASP B 293 1.03 -9.41 -4.57
N PHE B 294 0.07 -9.92 -5.32
CA PHE B 294 0.16 -11.31 -5.79
C PHE B 294 1.43 -11.62 -6.61
N LEU B 295 1.99 -10.61 -7.29
CA LEU B 295 3.28 -10.77 -7.99
C LEU B 295 4.45 -10.93 -7.01
N TYR B 296 4.41 -10.25 -5.87
CA TYR B 296 5.48 -10.41 -4.88
C TYR B 296 5.48 -11.84 -4.34
N ALA B 297 4.29 -12.32 -3.97
CA ALA B 297 4.15 -13.47 -3.06
C ALA B 297 3.87 -14.78 -3.76
N LYS B 298 3.24 -14.71 -4.92
CA LYS B 298 2.63 -15.89 -5.55
C LYS B 298 3.11 -16.09 -6.99
N LYS B 299 4.28 -15.52 -7.31
CA LYS B 299 4.64 -15.29 -8.71
C LYS B 299 4.72 -16.59 -9.51
N ALA B 300 5.18 -17.66 -8.89
CA ALA B 300 5.33 -18.97 -9.54
C ALA B 300 4.02 -19.63 -9.95
N GLN B 301 2.89 -19.13 -9.44
CA GLN B 301 1.57 -19.70 -9.73
C GLN B 301 0.72 -18.79 -10.62
N LEU B 302 1.30 -17.68 -11.11
CA LEU B 302 0.63 -16.78 -12.02
C LEU B 302 1.33 -16.77 -13.38
N PRO B 303 0.56 -16.47 -14.43
CA PRO B 303 1.14 -16.33 -15.76
C PRO B 303 1.86 -15.00 -15.88
N THR B 304 2.76 -14.90 -16.84
CA THR B 304 3.36 -13.60 -17.19
C THR B 304 2.36 -12.81 -18.05
N ILE B 305 2.72 -11.58 -18.42
CA ILE B 305 1.86 -10.79 -19.33
C ILE B 305 1.70 -11.50 -20.68
N PRO B 306 2.82 -11.93 -21.31
CA PRO B 306 2.71 -12.76 -22.54
C PRO B 306 1.95 -14.08 -22.31
N GLY B 307 2.12 -14.69 -21.15
CA GLY B 307 1.43 -15.94 -20.85
C GLY B 307 -0.07 -15.73 -20.83
N THR B 308 -0.46 -14.60 -20.25
CA THR B 308 -1.86 -14.24 -20.17
C THR B 308 -2.41 -13.95 -21.56
N ALA B 309 -1.67 -13.18 -22.35
CA ALA B 309 -2.09 -12.94 -23.72
C ALA B 309 -2.41 -14.26 -24.42
N LYS B 310 -1.48 -15.21 -24.34
CA LYS B 310 -1.61 -16.50 -25.00
C LYS B 310 -2.87 -17.20 -24.58
N ILE B 311 -3.09 -17.25 -23.26
CA ILE B 311 -4.24 -17.95 -22.69
C ILE B 311 -5.54 -17.33 -23.21
N LEU B 312 -5.60 -16.01 -23.22
CA LEU B 312 -6.79 -15.30 -23.67
C LEU B 312 -7.06 -15.52 -25.17
N GLN B 313 -6.02 -15.33 -25.97
CA GLN B 313 -6.11 -15.60 -27.41
C GLN B 313 -6.62 -17.02 -27.67
N ASP B 314 -6.10 -18.02 -26.95
CA ASP B 314 -6.50 -19.41 -27.17
C ASP B 314 -7.95 -19.68 -26.78
N LEU B 315 -8.36 -19.23 -25.61
CA LEU B 315 -9.76 -19.37 -25.18
C LEU B 315 -10.72 -18.68 -26.15
N CYS B 316 -10.41 -17.44 -26.52
CA CYS B 316 -11.23 -16.71 -27.47
C CYS B 316 -11.43 -17.44 -28.80
N LYS B 317 -10.38 -18.07 -29.32
CA LYS B 317 -10.51 -18.87 -30.55
C LYS B 317 -11.40 -20.05 -30.28
N LYS B 318 -11.09 -20.80 -29.22
CA LYS B 318 -11.82 -22.04 -28.93
C LYS B 318 -13.31 -21.83 -28.68
N LEU B 319 -13.68 -20.68 -28.13
CA LEU B 319 -15.07 -20.37 -27.77
C LEU B 319 -15.75 -19.42 -28.74
N ASP B 320 -15.03 -18.98 -29.76
CA ASP B 320 -15.54 -18.03 -30.75
C ASP B 320 -16.04 -16.79 -30.04
N LEU B 321 -15.16 -16.18 -29.29
CA LEU B 321 -15.44 -14.91 -28.63
C LEU B 321 -14.41 -13.90 -29.08
N GLN B 322 -14.84 -12.67 -29.26
CA GLN B 322 -13.94 -11.58 -29.65
C GLN B 322 -13.88 -10.45 -28.63
N LYS B 323 -14.72 -10.53 -27.59
CA LYS B 323 -14.76 -9.52 -26.53
C LYS B 323 -14.26 -10.12 -25.23
N ILE B 324 -13.51 -9.34 -24.47
CA ILE B 324 -12.95 -9.75 -23.21
C ILE B 324 -13.29 -8.70 -22.16
N TYR B 325 -13.89 -9.11 -21.04
CA TYR B 325 -13.96 -8.18 -19.92
C TYR B 325 -12.82 -8.46 -18.94
N LEU B 326 -12.00 -7.45 -18.69
CA LEU B 326 -10.85 -7.57 -17.82
C LEU B 326 -11.09 -6.88 -16.50
N ALA B 327 -11.18 -7.69 -15.45
CA ALA B 327 -11.14 -7.22 -14.08
C ALA B 327 -9.72 -7.36 -13.59
N THR B 328 -9.09 -6.22 -13.27
CA THR B 328 -7.76 -6.29 -12.77
C THR B 328 -7.46 -5.17 -11.83
N ASP B 329 -6.54 -5.45 -10.91
CA ASP B 329 -5.95 -4.42 -10.04
C ASP B 329 -4.62 -3.93 -10.59
N ALA B 330 -4.17 -4.51 -11.71
CA ALA B 330 -2.87 -4.15 -12.28
C ALA B 330 -2.87 -2.66 -12.74
N PRO B 331 -1.71 -2.02 -12.71
CA PRO B 331 -1.65 -0.63 -13.19
C PRO B 331 -1.97 -0.52 -14.69
N ASP B 332 -2.40 0.66 -15.14
CA ASP B 332 -2.75 0.88 -16.57
C ASP B 332 -1.62 0.43 -17.54
N GLN B 333 -0.39 0.66 -17.14
CA GLN B 333 0.79 0.33 -17.97
C GLN B 333 0.82 -1.17 -18.29
N GLU B 334 0.57 -1.97 -17.27
CA GLU B 334 0.52 -3.42 -17.46
C GLU B 334 -0.66 -3.82 -18.32
N VAL B 335 -1.82 -3.17 -18.16
CA VAL B 335 -2.95 -3.54 -19.03
C VAL B 335 -2.69 -3.09 -20.48
N ASP B 336 -2.00 -1.96 -20.64
CA ASP B 336 -1.56 -1.47 -21.96
C ASP B 336 -0.61 -2.49 -22.61
N GLU B 337 0.32 -3.02 -21.82
CA GLU B 337 1.21 -4.06 -22.31
C GLU B 337 0.49 -5.36 -22.69
N LEU B 338 -0.54 -5.74 -21.93
CA LEU B 338 -1.33 -6.90 -22.28
C LEU B 338 -2.05 -6.70 -23.61
N LYS B 339 -2.73 -5.57 -23.74
CA LYS B 339 -3.50 -5.27 -24.95
C LYS B 339 -2.62 -5.29 -26.21
N ALA B 340 -1.41 -4.75 -26.07
CA ALA B 340 -0.43 -4.70 -27.15
C ALA B 340 0.08 -6.08 -27.58
N LEU B 341 -0.23 -7.12 -26.81
CA LEU B 341 0.08 -8.51 -27.19
C LEU B 341 -1.10 -9.24 -27.88
N LEU B 342 -2.23 -8.54 -28.07
CA LEU B 342 -3.42 -9.08 -28.73
C LEU B 342 -3.81 -8.37 -30.08
N ASN B 343 -3.05 -7.38 -30.58
CA ASN B 343 -3.42 -6.62 -31.82
C ASN B 343 -4.76 -5.88 -31.66
N GLY B 344 -5.46 -5.60 -32.77
CA GLY B 344 -6.90 -5.26 -32.78
C GLY B 344 -7.87 -6.42 -32.93
N GLU B 345 -7.35 -7.65 -32.98
CA GLU B 345 -8.19 -8.82 -33.32
C GLU B 345 -9.28 -9.14 -32.26
N LEU B 346 -9.00 -8.82 -31.00
CA LEU B 346 -9.90 -9.06 -29.88
C LEU B 346 -10.04 -7.73 -29.17
N GLU B 347 -11.20 -7.47 -28.57
CA GLU B 347 -11.40 -6.22 -27.84
C GLU B 347 -11.48 -6.44 -26.34
N VAL B 348 -10.75 -5.62 -25.60
CA VAL B 348 -10.67 -5.71 -24.16
C VAL B 348 -11.42 -4.53 -23.53
N TYR B 349 -12.35 -4.84 -22.64
CA TYR B 349 -13.12 -3.80 -21.95
C TYR B 349 -12.82 -3.77 -20.47
N ARG B 350 -12.94 -2.58 -19.89
CA ARG B 350 -12.89 -2.42 -18.43
C ARG B 350 -13.85 -1.34 -18.00
N PHE B 351 -14.39 -1.46 -16.79
CA PHE B 351 -15.22 -0.38 -16.23
C PHE B 351 -14.30 0.69 -15.69
N THR B 352 -14.32 1.85 -16.34
CA THR B 352 -13.39 2.95 -16.06
C THR B 352 -14.10 4.30 -15.83
N ASP B 353 -15.28 4.46 -16.45
CA ASP B 353 -16.17 5.59 -16.26
C ASP B 353 -16.83 5.57 -14.86
N THR B 354 -16.02 5.75 -13.82
CA THR B 354 -16.43 5.38 -12.49
C THR B 354 -17.11 6.50 -11.70
N GLN B 355 -16.96 7.74 -12.14
CA GLN B 355 -17.64 8.87 -11.47
C GLN B 355 -17.32 8.97 -9.98
N LYS B 356 -18.33 9.07 -9.13
CA LYS B 356 -18.12 9.24 -7.71
C LYS B 356 -18.02 7.88 -7.00
N LEU B 357 -18.09 6.77 -7.75
CA LEU B 357 -18.05 5.44 -7.12
C LEU B 357 -16.73 5.18 -6.41
N ASN B 358 -16.81 4.63 -5.21
CA ASN B 358 -15.62 4.28 -4.44
C ASN B 358 -14.98 2.99 -4.94
N ASP B 359 -13.80 2.70 -4.42
CA ASP B 359 -13.02 1.55 -4.87
C ASP B 359 -13.72 0.22 -4.70
N GLY B 360 -14.45 0.06 -3.59
CA GLY B 360 -15.19 -1.19 -3.32
C GLY B 360 -16.37 -1.37 -4.25
N GLN B 361 -17.04 -0.27 -4.60
CA GLN B 361 -18.13 -0.33 -5.57
C GLN B 361 -17.63 -0.75 -6.98
N ILE B 362 -16.50 -0.18 -7.40
CA ILE B 362 -15.86 -0.54 -8.66
C ILE B 362 -15.52 -2.03 -8.70
N ALA B 363 -15.01 -2.52 -7.59
CA ALA B 363 -14.58 -3.91 -7.50
C ALA B 363 -15.76 -4.84 -7.67
N ILE B 364 -16.90 -4.50 -7.05
CA ILE B 364 -18.14 -5.29 -7.16
C ILE B 364 -18.61 -5.28 -8.60
N ILE B 365 -18.51 -4.13 -9.26
CA ILE B 365 -18.90 -4.04 -10.65
C ILE B 365 -18.02 -4.92 -11.53
N ASP B 366 -16.72 -4.94 -11.30
CA ASP B 366 -15.85 -5.85 -12.02
C ASP B 366 -16.26 -7.32 -11.80
N GLN B 367 -16.62 -7.66 -10.57
CA GLN B 367 -17.04 -9.03 -10.26
C GLN B 367 -18.30 -9.39 -11.00
N TYR B 368 -19.29 -8.50 -10.95
CA TYR B 368 -20.60 -8.77 -11.55
C TYR B 368 -20.45 -8.96 -13.05
N LEU B 369 -19.56 -8.17 -13.65
CA LEU B 369 -19.34 -8.25 -15.08
C LEU B 369 -18.64 -9.56 -15.40
N CYS B 370 -17.63 -9.95 -14.62
CA CYS B 370 -17.01 -11.26 -14.84
C CYS B 370 -18.04 -12.38 -14.71
N ALA B 371 -18.94 -12.18 -13.75
CA ALA B 371 -19.95 -13.20 -13.41
C ALA B 371 -20.93 -13.50 -14.54
N HIS B 372 -21.11 -12.55 -15.46
CA HIS B 372 -22.07 -12.68 -16.53
C HIS B 372 -21.46 -13.01 -17.89
N ALA B 373 -20.16 -13.32 -17.91
CA ALA B 373 -19.50 -13.80 -19.12
C ALA B 373 -19.96 -15.19 -19.49
N ALA B 374 -19.94 -15.50 -20.79
CA ALA B 374 -20.14 -16.87 -21.25
C ALA B 374 -19.10 -17.80 -20.61
N TYR B 375 -17.90 -17.31 -20.38
CA TYR B 375 -16.83 -18.12 -19.81
C TYR B 375 -15.97 -17.28 -18.91
N PHE B 376 -15.60 -17.84 -17.76
CA PHE B 376 -14.78 -17.13 -16.77
C PHE B 376 -13.50 -17.85 -16.43
N ILE B 377 -12.41 -17.11 -16.32
CA ILE B 377 -11.16 -17.69 -15.85
C ILE B 377 -10.55 -16.73 -14.87
N GLY B 378 -10.10 -17.24 -13.73
CA GLY B 378 -9.67 -16.39 -12.62
C GLY B 378 -8.26 -16.67 -12.14
N SER B 379 -7.94 -16.10 -10.98
CA SER B 379 -6.58 -16.12 -10.48
C SER B 379 -6.47 -17.03 -9.27
N TYR B 380 -5.30 -17.67 -9.15
CA TYR B 380 -5.01 -18.69 -8.15
C TYR B 380 -5.14 -18.19 -6.70
N GLU B 381 -5.99 -18.86 -5.95
CA GLU B 381 -6.18 -18.60 -4.51
C GLU B 381 -6.71 -17.22 -4.18
N SER B 382 -7.20 -16.47 -5.19
CA SER B 382 -7.80 -15.16 -4.94
C SER B 382 -9.25 -15.33 -4.51
N THR B 383 -9.60 -14.68 -3.38
CA THR B 383 -10.97 -14.65 -2.89
C THR B 383 -11.86 -13.76 -3.74
N PHE B 384 -11.25 -12.77 -4.42
CA PHE B 384 -12.01 -11.97 -5.37
C PHE B 384 -12.55 -12.90 -6.49
N THR B 385 -11.70 -13.79 -6.95
CA THR B 385 -12.10 -14.84 -7.90
C THR B 385 -13.11 -15.81 -7.27
N PHE B 386 -12.91 -16.22 -6.02
CA PHE B 386 -13.82 -17.16 -5.40
C PHE B 386 -15.27 -16.64 -5.37
N ARG B 387 -15.41 -15.36 -5.03
CA ARG B 387 -16.72 -14.74 -4.94
C ARG B 387 -17.37 -14.62 -6.33
N ILE B 388 -16.57 -14.41 -7.37
CA ILE B 388 -17.10 -14.50 -8.74
C ILE B 388 -17.61 -15.92 -9.04
N GLN B 389 -16.85 -16.96 -8.69
CA GLN B 389 -17.25 -18.34 -8.99
C GLN B 389 -18.61 -18.60 -8.32
N GLU B 390 -18.74 -18.13 -7.09
CA GLU B 390 -20.01 -18.24 -6.34
C GLU B 390 -21.17 -17.48 -7.00
N ASP B 391 -20.90 -16.29 -7.53
CA ASP B 391 -21.90 -15.53 -8.26
C ASP B 391 -22.35 -16.34 -9.48
N ARG B 392 -21.41 -16.95 -10.20
CA ARG B 392 -21.77 -17.78 -11.36
C ARG B 392 -22.60 -19.01 -10.96
N GLU B 393 -22.25 -19.66 -9.84
CA GLU B 393 -23.10 -20.74 -9.32
C GLU B 393 -24.53 -20.26 -9.09
N ILE B 394 -24.68 -19.10 -8.47
CA ILE B 394 -25.99 -18.53 -8.19
C ILE B 394 -26.76 -18.25 -9.47
N ILE B 395 -26.08 -17.67 -10.46
CA ILE B 395 -26.72 -17.26 -11.72
C ILE B 395 -27.14 -18.51 -12.51
N GLY B 396 -26.35 -19.57 -12.37
CA GLY B 396 -26.70 -20.88 -12.94
C GLY B 396 -25.92 -21.30 -14.18
N PHE B 397 -24.62 -21.00 -14.20
CA PHE B 397 -23.75 -21.42 -15.30
C PHE B 397 -23.27 -22.86 -15.14
N PRO B 398 -22.97 -23.54 -16.26
CA PRO B 398 -22.31 -24.84 -16.20
C PRO B 398 -20.96 -24.75 -15.51
N ILE B 399 -20.61 -25.76 -14.74
CA ILE B 399 -19.42 -25.67 -13.90
C ILE B 399 -18.15 -25.56 -14.73
N SER B 400 -18.19 -26.04 -15.98
CA SER B 400 -17.05 -25.93 -16.91
C SER B 400 -16.62 -24.52 -17.14
N THR B 401 -17.60 -23.61 -17.16
CA THR B 401 -17.42 -22.21 -17.53
C THR B 401 -16.94 -21.35 -16.38
N THR B 402 -16.85 -21.93 -15.19
CA THR B 402 -16.68 -21.19 -13.97
C THR B 402 -15.38 -21.51 -13.24
N PHE B 403 -15.16 -22.78 -12.93
CA PHE B 403 -14.04 -23.17 -12.05
C PHE B 403 -12.73 -23.32 -12.82
N ASN B 404 -12.25 -22.20 -13.37
CA ASN B 404 -11.07 -22.16 -14.18
C ASN B 404 -10.09 -21.14 -13.68
N ARG B 405 -8.80 -21.50 -13.71
CA ARG B 405 -7.74 -20.64 -13.19
C ARG B 405 -6.58 -20.53 -14.18
N LEU B 406 -5.99 -19.34 -14.24
CA LEU B 406 -4.87 -19.03 -15.12
C LEU B 406 -3.64 -19.78 -14.66
N CYS B 407 -3.07 -20.59 -15.54
CA CYS B 407 -1.86 -21.33 -15.19
C CYS B 407 -0.59 -20.50 -15.38
N PRO B 408 0.48 -20.89 -14.66
CA PRO B 408 1.77 -20.29 -14.93
C PRO B 408 2.29 -20.80 -16.27
N ASP B 409 3.20 -20.04 -16.86
CA ASP B 409 3.66 -20.32 -18.25
C ASP B 409 4.20 -21.75 -18.40
N THR B 410 4.93 -22.25 -17.42
CA THR B 410 5.57 -23.56 -17.55
C THR B 410 4.79 -24.69 -16.87
N GLU B 411 3.47 -24.55 -16.77
CA GLU B 411 2.67 -25.61 -16.17
C GLU B 411 1.22 -25.55 -16.67
N PRO B 412 1.00 -25.92 -17.94
CA PRO B 412 -0.36 -25.90 -18.52
C PRO B 412 -1.36 -26.92 -17.92
N THR B 413 -0.91 -27.91 -17.14
CA THR B 413 -1.85 -28.78 -16.44
C THR B 413 -1.84 -28.51 -14.94
N CYS B 414 -1.85 -27.22 -14.61
CA CYS B 414 -1.75 -26.79 -13.23
C CYS B 414 -3.04 -27.15 -12.49
N GLU B 415 -2.95 -27.22 -11.17
CA GLU B 415 -4.12 -27.52 -10.36
C GLU B 415 -5.21 -26.47 -10.53
N GLN B 416 -6.42 -26.96 -10.79
CA GLN B 416 -7.58 -26.10 -11.03
C GLN B 416 -8.41 -26.02 -9.74
N PRO B 417 -9.22 -24.95 -9.58
CA PRO B 417 -9.83 -24.72 -8.27
C PRO B 417 -10.83 -25.78 -7.84
N ALA B 418 -11.00 -25.90 -6.54
CA ALA B 418 -11.93 -26.86 -5.99
C ALA B 418 -13.33 -26.46 -6.40
N LYS B 419 -14.13 -27.44 -6.75
CA LYS B 419 -15.47 -27.22 -7.24
C LYS B 419 -16.53 -27.35 -6.14
N TRP B 420 -16.62 -26.35 -5.28
CA TRP B 420 -17.71 -26.29 -4.30
C TRP B 420 -18.96 -25.75 -4.97
N LYS B 421 -19.89 -26.66 -5.28
CA LYS B 421 -21.06 -26.33 -6.06
C LYS B 421 -22.18 -25.89 -5.16
N ILE B 422 -23.03 -25.03 -5.68
CA ILE B 422 -24.15 -24.50 -4.92
C ILE B 422 -25.12 -25.61 -4.48
N VAL B 423 -25.69 -25.45 -3.28
CA VAL B 423 -26.61 -26.42 -2.68
C VAL B 423 -27.81 -25.64 -2.17
N TYR B 424 -29.01 -26.09 -2.54
CA TYR B 424 -30.26 -25.48 -2.11
C TYR B 424 -31.02 -26.31 -1.07
N SER B 425 -30.75 -27.62 -1.02
CA SER B 425 -31.42 -28.53 -0.08
C SER B 425 -30.50 -29.13 0.95
N ASP B 451 -15.39 -49.77 6.21
CA ASP B 451 -15.17 -50.42 4.86
C ASP B 451 -15.57 -49.53 3.67
N GLY B 452 -16.71 -48.86 3.82
CA GLY B 452 -17.39 -48.17 2.71
C GLY B 452 -17.31 -46.65 2.73
N TRP B 453 -16.07 -46.17 2.83
CA TRP B 453 -15.81 -44.73 2.92
C TRP B 453 -15.95 -44.08 1.56
N SER B 454 -16.60 -42.91 1.52
CA SER B 454 -16.59 -42.09 0.30
C SER B 454 -15.17 -41.56 0.03
N PRO B 455 -14.94 -41.07 -1.18
CA PRO B 455 -13.68 -40.35 -1.39
C PRO B 455 -13.67 -39.10 -0.51
N TRP B 456 -12.48 -38.59 -0.23
CA TRP B 456 -12.36 -37.31 0.48
C TRP B 456 -13.00 -36.18 -0.32
N SER B 457 -13.69 -35.27 0.36
CA SER B 457 -14.18 -34.07 -0.32
C SER B 457 -13.00 -33.22 -0.78
N GLU B 458 -13.34 -32.17 -1.50
CA GLU B 458 -12.40 -31.08 -1.77
C GLU B 458 -11.95 -30.47 -0.44
N TRP B 459 -10.75 -29.89 -0.41
CA TRP B 459 -10.37 -29.04 0.73
C TRP B 459 -11.20 -27.75 0.66
N THR B 460 -11.69 -27.31 1.82
CA THR B 460 -12.31 -26.01 1.91
C THR B 460 -11.29 -24.94 1.51
N SER B 461 -11.77 -23.77 1.14
CA SER B 461 -10.86 -22.64 0.95
C SER B 461 -10.20 -22.25 2.28
N CYS B 462 -9.02 -21.66 2.19
CA CYS B 462 -8.30 -21.25 3.39
C CYS B 462 -9.13 -20.26 4.20
N SER B 463 -9.11 -20.41 5.51
CA SER B 463 -9.94 -19.60 6.40
C SER B 463 -9.47 -18.15 6.50
N THR B 464 -8.27 -17.95 6.03
CA THR B 464 -7.56 -16.70 6.10
C THR B 464 -7.02 -16.41 4.71
N SER B 465 -6.75 -15.16 4.36
CA SER B 465 -6.07 -14.87 3.09
C SER B 465 -4.67 -14.39 3.30
N CYS B 466 -4.37 -14.06 4.52
CA CYS B 466 -3.00 -13.85 4.88
C CYS B 466 -2.70 -14.38 6.31
N GLY B 467 -1.45 -14.71 6.57
CA GLY B 467 -1.08 -15.39 7.82
C GLY B 467 -1.55 -16.83 7.77
N ASN B 468 -1.26 -17.60 8.82
CA ASN B 468 -1.67 -18.99 8.83
C ASN B 468 -3.17 -19.12 9.03
N GLY B 469 -3.80 -19.97 8.21
CA GLY B 469 -5.19 -20.35 8.40
C GLY B 469 -5.39 -21.86 8.35
N ILE B 470 -6.64 -22.28 8.19
CA ILE B 470 -7.05 -23.67 8.18
C ILE B 470 -7.82 -24.03 6.91
N GLN B 471 -7.52 -25.22 6.40
CA GLN B 471 -8.34 -25.89 5.42
C GLN B 471 -8.76 -27.26 5.98
N GLN B 472 -9.93 -27.74 5.59
CA GLN B 472 -10.36 -29.10 5.95
C GLN B 472 -10.98 -29.82 4.78
N ARG B 473 -11.07 -31.14 4.89
CA ARG B 473 -11.81 -31.97 3.94
C ARG B 473 -12.41 -33.07 4.75
N GLY B 474 -13.49 -33.65 4.24
CA GLY B 474 -14.24 -34.65 4.97
C GLY B 474 -14.68 -35.81 4.11
N ARG B 475 -15.11 -36.88 4.75
CA ARG B 475 -15.67 -38.00 4.05
C ARG B 475 -16.70 -38.67 4.94
N SER B 476 -17.47 -39.57 4.36
CA SER B 476 -18.50 -40.27 5.12
C SER B 476 -18.51 -41.77 4.85
N CYS B 477 -19.23 -42.47 5.70
CA CYS B 477 -19.26 -43.90 5.69
C CYS B 477 -20.48 -44.34 6.50
N ASP B 478 -21.19 -45.33 5.96
CA ASP B 478 -22.40 -45.86 6.57
C ASP B 478 -22.03 -46.92 7.61
N SER B 479 -22.02 -46.52 8.89
CA SER B 479 -21.67 -47.43 9.98
C SER B 479 -22.58 -48.63 10.12
N LEU B 480 -23.79 -48.54 9.60
CA LEU B 480 -24.72 -49.64 9.69
C LEU B 480 -24.35 -50.83 8.81
N ASN B 481 -23.65 -50.59 7.72
CA ASN B 481 -23.31 -51.68 6.80
C ASN B 481 -21.83 -51.85 6.58
N ASN B 482 -21.02 -51.16 7.38
CA ASN B 482 -19.56 -51.23 7.33
C ASN B 482 -18.97 -50.84 8.67
N ARG B 483 -17.71 -51.22 8.88
CA ARG B 483 -17.01 -50.88 10.11
C ARG B 483 -16.75 -49.36 10.23
N CYS B 484 -16.35 -48.72 9.14
CA CYS B 484 -16.11 -47.28 9.11
C CYS B 484 -15.14 -46.86 10.18
N GLU B 485 -13.94 -47.43 10.13
CA GLU B 485 -12.85 -47.16 11.05
C GLU B 485 -12.03 -45.98 10.49
N GLY B 486 -11.58 -45.12 11.39
CA GLY B 486 -10.67 -44.04 11.02
C GLY B 486 -11.33 -42.69 11.01
N SER B 487 -10.61 -41.68 10.53
CA SER B 487 -11.06 -40.31 10.63
C SER B 487 -11.96 -39.95 9.44
N SER B 488 -12.97 -39.13 9.73
CA SER B 488 -13.83 -38.58 8.72
C SER B 488 -13.54 -37.09 8.43
N VAL B 489 -12.58 -36.49 9.12
CA VAL B 489 -12.11 -35.12 8.83
C VAL B 489 -10.60 -34.99 8.88
N GLN B 490 -10.04 -34.23 7.95
CA GLN B 490 -8.65 -33.86 8.04
C GLN B 490 -8.54 -32.35 8.09
N THR B 491 -7.50 -31.89 8.76
CA THR B 491 -7.23 -30.47 8.90
C THR B 491 -5.77 -30.23 8.60
N ARG B 492 -5.49 -29.11 7.95
CA ARG B 492 -4.15 -28.71 7.68
C ARG B 492 -4.03 -27.19 7.66
N THR B 493 -2.85 -26.69 8.01
CA THR B 493 -2.51 -25.26 7.94
C THR B 493 -2.38 -24.87 6.49
N CYS B 494 -2.88 -23.69 6.16
CA CYS B 494 -2.71 -23.04 4.86
C CYS B 494 -2.18 -21.63 5.09
N HIS B 495 -1.60 -21.06 4.04
CA HIS B 495 -0.95 -19.77 4.15
C HIS B 495 -0.86 -19.19 2.76
N ILE B 496 -1.68 -18.19 2.49
CA ILE B 496 -1.82 -17.71 1.12
C ILE B 496 -0.71 -16.69 0.85
N GLN B 497 -0.51 -15.78 1.79
CA GLN B 497 0.60 -14.87 1.77
C GLN B 497 0.78 -14.26 3.16
N GLU B 498 1.81 -13.45 3.35
CA GLU B 498 2.04 -12.77 4.65
C GLU B 498 1.17 -11.52 4.75
N CYS B 499 0.70 -11.19 5.96
CA CYS B 499 -0.12 -10.01 6.20
C CYS B 499 0.84 -8.83 6.43
#